data_3R5C
#
_entry.id   3R5C
#
_cell.length_a   123.282
_cell.length_b   123.282
_cell.length_c   198.763
_cell.angle_alpha   90.00
_cell.angle_beta   90.00
_cell.angle_gamma   90.00
#
_symmetry.space_group_name_H-M   'P 41 21 2'
#
loop_
_entity.id
_entity.type
_entity.pdbx_description
1 polymer 'Tetrahydrodipicolinate N-succinyletransferase'
2 non-polymer 'COENZYME A'
3 non-polymer 'SUCCINIC ACID'
4 water water
#
_entity_poly.entity_id   1
_entity_poly.type   'polypeptide(L)'
_entity_poly.pdbx_seq_one_letter_code
;GSHMSQSLFSLAFGVGTQNRQEAWLEVFYALPLLKPSSEIVAAVAPILGYAAGNQALTFTSQQAYQLADALKGIDAAQSA
LLSRLAESQKPLVATLLAEDAAPSSTAEAYLKLHLLSHRLVKPHAVNLSGIFPLLPNVAWTNIGAVDLAELAELQLEARL
KGKLLEVFSVDKFPKMTDYVVPAGVRIADTARVRLGAYIGEGTTVMHEGFVNFNAGTEGPGMIEGRVSAGVFVGKGSDLG
GGCSTMGTLSGGGNIVISVGEGCLIGANAGIGIPLGDRNIVEAGLYITAGTKVALLDEQNALVKVVKARDLAGQPDLLFR
RNSQNGAVECKTNKTAIELNEALHAHN
;
_entity_poly.pdbx_strand_id   A,B,C
#
# COMPACT_ATOMS: atom_id res chain seq x y z
N HIS A 3 23.57 45.77 -2.59
CA HIS A 3 22.76 45.33 -1.40
C HIS A 3 23.58 44.54 -0.40
N MET A 4 23.03 44.50 0.83
CA MET A 4 23.63 43.83 1.98
C MET A 4 22.69 42.65 2.37
N SER A 5 22.93 42.00 3.52
CA SER A 5 22.09 40.85 3.97
C SER A 5 20.58 41.23 4.11
N GLN A 6 19.68 40.34 3.63
CA GLN A 6 18.25 40.69 3.45
C GLN A 6 17.30 40.24 4.58
N SER A 7 16.00 40.18 4.26
CA SER A 7 14.97 39.49 5.06
C SER A 7 14.54 38.17 4.40
N LEU A 8 14.92 37.06 5.03
CA LEU A 8 15.02 35.77 4.35
C LEU A 8 13.68 35.12 3.98
N PHE A 9 13.74 34.27 2.96
CA PHE A 9 12.62 33.46 2.56
C PHE A 9 12.34 32.38 3.61
N SER A 10 13.37 31.70 4.06
CA SER A 10 13.22 30.67 5.04
C SER A 10 14.51 30.40 5.78
N LEU A 11 14.38 29.85 6.98
CA LEU A 11 15.53 29.31 7.68
C LEU A 11 15.09 28.17 8.57
N ALA A 12 15.93 27.16 8.73
CA ALA A 12 15.60 26.03 9.60
C ALA A 12 16.85 25.36 10.14
N PHE A 13 16.82 24.97 11.42
CA PHE A 13 17.90 24.20 12.02
C PHE A 13 17.55 22.74 11.96
N GLY A 14 18.41 21.98 11.31
CA GLY A 14 18.12 20.59 11.05
C GLY A 14 19.16 19.64 11.58
N VAL A 15 18.72 18.41 11.80
CA VAL A 15 19.57 17.28 12.12
C VAL A 15 19.29 16.22 11.07
N GLY A 16 20.36 15.72 10.44
CA GLY A 16 20.23 14.82 9.31
C GLY A 16 21.19 13.68 9.40
N THR A 17 21.35 12.97 8.30
CA THR A 17 22.21 11.80 8.30
C THR A 17 23.14 11.82 7.09
N GLN A 18 24.39 11.43 7.30
CA GLN A 18 25.40 11.43 6.26
C GLN A 18 25.87 10.00 6.03
N ASN A 19 26.35 9.72 4.82
CA ASN A 19 26.92 8.42 4.51
C ASN A 19 28.42 8.44 4.84
N ARG A 20 29.11 7.33 4.59
CA ARG A 20 30.53 7.23 4.91
C ARG A 20 31.39 8.24 4.16
N GLN A 21 30.96 8.66 2.97
CA GLN A 21 31.63 9.71 2.20
C GLN A 21 31.12 11.12 2.52
N GLU A 22 30.41 11.25 3.63
CA GLU A 22 29.87 12.53 4.13
C GLU A 22 28.83 13.24 3.26
N ALA A 23 28.29 12.54 2.25
CA ALA A 23 27.14 13.04 1.53
C ALA A 23 25.90 13.04 2.44
N TRP A 24 25.14 14.11 2.38
CA TRP A 24 23.88 14.19 3.09
C TRP A 24 22.87 13.29 2.40
N LEU A 25 22.23 12.41 3.17
CA LEU A 25 21.12 11.60 2.67
C LEU A 25 19.79 12.30 2.93
N GLU A 26 19.74 13.08 4.00
CA GLU A 26 18.47 13.37 4.61
C GLU A 26 18.63 14.47 5.68
N VAL A 27 17.67 15.35 5.81
CA VAL A 27 17.68 16.30 6.91
C VAL A 27 16.27 16.41 7.50
N PHE A 28 16.18 16.52 8.83
CA PHE A 28 14.92 16.67 9.55
C PHE A 28 14.91 18.03 10.22
N TYR A 29 13.91 18.85 9.92
CA TYR A 29 13.75 20.15 10.54
C TYR A 29 12.52 20.14 11.40
N ALA A 30 12.70 20.27 12.70
CA ALA A 30 11.59 20.16 13.65
C ALA A 30 10.66 21.38 13.60
N LEU A 31 11.26 22.56 13.43
CA LEU A 31 10.53 23.83 13.50
C LEU A 31 10.99 24.79 12.39
N PRO A 32 10.63 24.48 11.13
CA PRO A 32 11.10 25.32 10.03
C PRO A 32 10.32 26.62 9.98
N LEU A 33 11.02 27.71 9.65
CA LEU A 33 10.40 29.05 9.59
C LEU A 33 10.26 29.55 8.15
N LEU A 34 9.06 30.00 7.83
CA LEU A 34 8.83 30.81 6.66
C LEU A 34 8.96 32.28 7.08
N LYS A 35 9.76 33.03 6.31
CA LYS A 35 9.97 34.47 6.51
C LYS A 35 10.39 34.79 7.95
N PRO A 36 11.55 34.27 8.37
CA PRO A 36 12.01 34.49 9.73
C PRO A 36 12.33 35.94 9.95
N SER A 37 12.18 36.39 11.18
CA SER A 37 12.37 37.80 11.50
C SER A 37 13.85 38.18 11.38
N SER A 38 14.10 39.46 11.10
CA SER A 38 15.47 39.95 10.96
C SER A 38 16.25 39.82 12.26
N GLU A 39 15.52 39.82 13.37
CA GLU A 39 16.11 39.63 14.70
C GLU A 39 16.70 38.23 14.87
N ILE A 40 15.98 37.20 14.46
CA ILE A 40 16.50 35.85 14.51
C ILE A 40 17.75 35.72 13.63
N VAL A 41 17.70 36.28 12.44
CA VAL A 41 18.78 36.09 11.47
C VAL A 41 20.03 36.80 11.90
N ALA A 42 19.85 38.00 12.45
CA ALA A 42 20.97 38.85 12.88
C ALA A 42 21.74 38.17 14.01
N ALA A 43 20.99 37.55 14.93
CA ALA A 43 21.59 36.79 16.05
C ALA A 43 22.37 35.54 15.60
N VAL A 44 21.90 34.93 14.53
CA VAL A 44 22.41 33.62 14.15
C VAL A 44 23.49 33.69 13.07
N ALA A 45 23.37 34.65 12.17
CA ALA A 45 24.24 34.71 11.00
C ALA A 45 25.76 34.74 11.31
N PRO A 46 26.18 35.58 12.27
CA PRO A 46 27.61 35.66 12.59
C PRO A 46 28.19 34.36 13.15
N ILE A 47 27.42 33.67 13.99
CA ILE A 47 27.87 32.38 14.55
C ILE A 47 27.96 31.31 13.46
N LEU A 48 26.99 31.29 12.56
CA LEU A 48 26.97 30.28 11.46
C LEU A 48 27.97 30.60 10.37
N GLY A 49 28.26 31.87 10.20
CA GLY A 49 29.11 32.31 9.11
C GLY A 49 28.30 32.42 7.83
N TYR A 50 27.10 32.96 7.96
CA TYR A 50 26.21 33.18 6.84
C TYR A 50 26.44 34.60 6.33
N ALA A 51 26.94 34.66 5.10
CA ALA A 51 27.22 35.94 4.44
C ALA A 51 25.99 36.40 3.70
N ALA A 52 25.56 35.60 2.73
CA ALA A 52 24.49 36.02 1.81
C ALA A 52 23.91 34.87 1.01
N GLY A 53 22.70 35.09 0.49
CA GLY A 53 22.11 34.17 -0.44
C GLY A 53 21.57 32.89 0.19
N ASN A 54 21.78 31.78 -0.51
CA ASN A 54 21.14 30.51 -0.15
C ASN A 54 22.17 29.50 0.27
N GLN A 55 22.06 29.08 1.51
CA GLN A 55 23.17 28.43 2.16
C GLN A 55 22.79 27.23 3.02
N ALA A 56 23.60 26.18 2.93
CA ALA A 56 23.47 24.98 3.76
C ALA A 56 24.69 24.86 4.65
N LEU A 57 24.62 25.42 5.86
CA LEU A 57 25.81 25.59 6.70
C LEU A 57 25.84 24.57 7.83
N THR A 58 26.79 23.65 7.75
CA THR A 58 26.97 22.68 8.82
C THR A 58 27.39 23.42 10.08
N PHE A 59 27.08 22.83 11.24
CA PHE A 59 27.45 23.46 12.49
C PHE A 59 27.56 22.44 13.61
N THR A 60 28.34 22.81 14.61
CA THR A 60 28.81 21.93 15.65
C THR A 60 27.90 22.01 16.84
N SER A 61 28.01 21.00 17.69
CA SER A 61 27.42 21.00 19.02
C SER A 61 27.70 22.32 19.79
N GLN A 62 28.97 22.76 19.79
CA GLN A 62 29.34 24.01 20.48
C GLN A 62 28.55 25.18 19.89
N GLN A 63 28.59 25.28 18.56
CA GLN A 63 27.81 26.31 17.85
C GLN A 63 26.33 26.21 18.19
N ALA A 64 25.81 25.00 18.35
CA ALA A 64 24.41 24.81 18.72
C ALA A 64 24.08 25.49 20.05
N TYR A 65 24.94 25.30 21.05
CA TYR A 65 24.80 26.00 22.34
C TYR A 65 24.90 27.51 22.18
N GLN A 66 25.90 27.97 21.42
CA GLN A 66 26.08 29.38 21.13
C GLN A 66 24.81 29.97 20.51
N LEU A 67 24.26 29.25 19.53
CA LEU A 67 23.03 29.70 18.87
C LEU A 67 21.84 29.72 19.84
N ALA A 68 21.73 28.72 20.70
CA ALA A 68 20.66 28.68 21.72
C ALA A 68 20.73 29.88 22.65
N ASP A 69 21.94 30.20 23.10
CA ASP A 69 22.15 31.39 23.93
C ASP A 69 21.72 32.67 23.19
N ALA A 70 22.21 32.86 21.98
CA ALA A 70 21.90 34.06 21.21
C ALA A 70 20.40 34.25 20.97
N LEU A 71 19.65 33.15 20.84
CA LEU A 71 18.20 33.22 20.55
C LEU A 71 17.30 33.24 21.78
N LYS A 72 17.91 32.98 22.94
CA LYS A 72 17.24 33.13 24.24
C LYS A 72 16.71 34.57 24.33
N GLY A 73 15.42 34.73 24.57
CA GLY A 73 14.83 36.08 24.61
C GLY A 73 14.56 36.71 23.24
N ILE A 74 14.87 36.00 22.16
CA ILE A 74 14.45 36.41 20.83
C ILE A 74 13.38 35.46 20.32
N ASP A 75 13.69 34.17 20.25
CA ASP A 75 12.67 33.13 19.96
C ASP A 75 12.84 31.93 20.88
N ALA A 76 11.88 31.75 21.79
CA ALA A 76 12.01 30.74 22.83
C ALA A 76 12.04 29.34 22.20
N ALA A 77 11.09 29.06 21.33
CA ALA A 77 10.99 27.76 20.66
C ALA A 77 12.31 27.37 20.00
N GLN A 78 12.82 28.25 19.13
CA GLN A 78 14.06 27.99 18.39
C GLN A 78 15.24 27.76 19.32
N SER A 79 15.34 28.58 20.36
CA SER A 79 16.38 28.44 21.37
C SER A 79 16.35 27.05 21.99
N ALA A 80 15.17 26.67 22.47
CA ALA A 80 14.97 25.35 23.08
C ALA A 80 15.33 24.18 22.12
N LEU A 81 15.02 24.35 20.83
CA LEU A 81 15.36 23.30 19.83
C LEU A 81 16.86 23.17 19.69
N LEU A 82 17.53 24.32 19.60
CA LEU A 82 18.98 24.34 19.47
C LEU A 82 19.64 23.69 20.70
N SER A 83 19.10 23.95 21.89
CA SER A 83 19.56 23.27 23.11
C SER A 83 19.54 21.77 22.92
N ARG A 84 18.40 21.24 22.47
CA ARG A 84 18.26 19.81 22.17
C ARG A 84 19.24 19.36 21.07
N LEU A 85 19.27 20.11 19.98
CA LEU A 85 20.18 19.80 18.85
C LEU A 85 21.64 19.69 19.29
N ALA A 86 22.03 20.54 20.24
CA ALA A 86 23.39 20.54 20.80
C ALA A 86 23.78 19.20 21.44
N GLU A 87 22.79 18.44 21.91
CA GLU A 87 23.08 17.15 22.54
C GLU A 87 23.22 16.07 21.49
N SER A 88 22.67 16.31 20.29
CA SER A 88 22.56 15.24 19.30
C SER A 88 23.87 14.58 18.93
N GLN A 89 23.72 13.33 18.53
CA GLN A 89 24.81 12.48 18.10
C GLN A 89 25.03 12.71 16.60
N LYS A 90 23.93 13.00 15.90
CA LYS A 90 23.90 13.17 14.44
C LYS A 90 24.32 14.58 13.97
N PRO A 91 24.75 14.71 12.70
CA PRO A 91 25.27 16.00 12.22
C PRO A 91 24.20 17.05 12.01
N LEU A 92 24.54 18.30 12.31
CA LEU A 92 23.61 19.41 12.22
C LEU A 92 23.86 20.27 10.98
N VAL A 93 22.79 20.87 10.44
CA VAL A 93 22.86 21.84 9.33
C VAL A 93 21.89 22.99 9.53
N ALA A 94 22.36 24.20 9.37
CA ALA A 94 21.50 25.37 9.35
C ALA A 94 21.34 25.77 7.89
N THR A 95 20.11 25.80 7.41
CA THR A 95 19.90 26.18 6.02
C THR A 95 19.14 27.49 6.01
N LEU A 96 19.79 28.49 5.44
CA LEU A 96 19.27 29.84 5.38
C LEU A 96 19.11 30.19 3.92
N LEU A 97 17.89 30.54 3.54
CA LEU A 97 17.56 30.83 2.15
C LEU A 97 17.08 32.26 2.06
N ALA A 98 17.87 33.09 1.41
CA ALA A 98 17.51 34.50 1.22
C ALA A 98 16.33 34.55 0.26
N GLU A 99 16.37 33.69 -0.74
CA GLU A 99 15.32 33.67 -1.73
C GLU A 99 14.75 32.27 -1.95
N ASP A 100 13.54 32.27 -2.50
CA ASP A 100 12.88 31.09 -3.03
C ASP A 100 13.33 30.87 -4.47
N ALA A 101 14.41 30.12 -4.65
CA ALA A 101 14.97 29.84 -5.96
C ALA A 101 15.22 28.35 -6.13
N ALA A 102 15.58 27.97 -7.35
CA ALA A 102 15.95 26.59 -7.63
C ALA A 102 16.95 26.13 -6.60
N PRO A 103 16.67 24.98 -5.97
CA PRO A 103 17.52 24.53 -4.89
C PRO A 103 18.90 24.16 -5.37
N SER A 104 19.88 24.32 -4.49
CA SER A 104 21.27 24.05 -4.82
C SER A 104 21.94 23.04 -3.87
N SER A 105 21.19 22.47 -2.94
CA SER A 105 21.72 21.44 -2.03
C SER A 105 20.65 20.48 -1.52
N THR A 106 21.08 19.29 -1.11
CA THR A 106 20.17 18.33 -0.51
C THR A 106 19.46 18.93 0.72
N ALA A 107 20.21 19.63 1.56
CA ALA A 107 19.61 20.25 2.76
C ALA A 107 18.52 21.25 2.39
N GLU A 108 18.74 21.99 1.31
CA GLU A 108 17.77 22.99 0.86
C GLU A 108 16.56 22.29 0.26
N ALA A 109 16.82 21.26 -0.55
CA ALA A 109 15.75 20.43 -1.11
C ALA A 109 14.83 19.93 0.02
N TYR A 110 15.41 19.37 1.06
CA TYR A 110 14.65 18.86 2.19
C TYR A 110 13.87 19.97 2.89
N LEU A 111 14.46 21.14 3.04
CA LEU A 111 13.72 22.24 3.67
C LEU A 111 12.49 22.60 2.86
N LYS A 112 12.62 22.71 1.55
CA LYS A 112 11.48 23.11 0.74
C LYS A 112 10.34 22.09 0.83
N LEU A 113 10.66 20.80 0.89
CA LEU A 113 9.61 19.77 1.05
C LEU A 113 8.97 19.88 2.46
N HIS A 114 9.76 20.20 3.49
CA HIS A 114 9.19 20.46 4.82
C HIS A 114 8.21 21.62 4.85
N LEU A 115 8.53 22.67 4.11
CA LEU A 115 7.71 23.87 4.10
C LEU A 115 6.32 23.54 3.59
N LEU A 116 6.29 22.75 2.52
CA LEU A 116 5.07 22.23 1.94
C LEU A 116 4.31 21.35 2.94
N SER A 117 5.00 20.38 3.56
CA SER A 117 4.29 19.40 4.38
C SER A 117 3.88 19.93 5.74
N HIS A 118 4.61 20.91 6.27
CA HIS A 118 4.14 21.65 7.46
C HIS A 118 3.02 22.61 7.09
N ARG A 119 2.73 22.75 5.81
CA ARG A 119 1.74 23.69 5.28
C ARG A 119 2.10 25.18 5.39
N LEU A 120 3.38 25.48 5.51
CA LEU A 120 3.79 26.86 5.54
C LEU A 120 3.61 27.47 4.14
N VAL A 121 3.81 26.66 3.11
CA VAL A 121 3.47 27.05 1.73
C VAL A 121 2.62 25.95 1.06
N LYS A 122 2.01 26.34 -0.05
CA LYS A 122 1.13 25.47 -0.80
C LYS A 122 1.79 24.98 -2.08
N PRO A 123 1.28 23.89 -2.66
CA PRO A 123 1.83 23.42 -3.93
C PRO A 123 1.91 24.54 -4.98
N HIS A 124 3.03 24.59 -5.70
CA HIS A 124 3.29 25.58 -6.75
C HIS A 124 3.72 26.96 -6.26
N ALA A 125 3.65 27.22 -4.96
CA ALA A 125 4.10 28.51 -4.46
C ALA A 125 5.62 28.56 -4.30
N VAL A 126 6.28 27.41 -4.37
CA VAL A 126 7.68 27.28 -4.03
C VAL A 126 8.46 26.69 -5.21
N ASN A 127 9.71 27.12 -5.38
CA ASN A 127 10.50 26.75 -6.56
C ASN A 127 11.18 25.41 -6.33
N LEU A 128 10.75 24.36 -7.04
CA LEU A 128 11.29 23.02 -6.82
C LEU A 128 12.06 22.52 -8.02
N SER A 129 12.31 23.43 -8.94
CA SER A 129 12.99 23.09 -10.17
C SER A 129 14.37 22.43 -9.91
N GLY A 130 14.62 21.31 -10.56
CA GLY A 130 15.89 20.61 -10.47
C GLY A 130 16.10 19.87 -9.16
N ILE A 131 15.02 19.58 -8.44
CA ILE A 131 15.15 18.97 -7.14
C ILE A 131 15.61 17.50 -7.20
N PHE A 132 15.28 16.78 -8.26
CA PHE A 132 15.54 15.34 -8.23
C PHE A 132 17.02 14.97 -8.01
N PRO A 133 17.94 15.66 -8.71
CA PRO A 133 19.34 15.30 -8.52
C PRO A 133 19.92 15.65 -7.14
N LEU A 134 19.22 16.45 -6.36
CA LEU A 134 19.67 16.78 -5.01
C LEU A 134 19.18 15.77 -3.98
N LEU A 135 18.21 14.94 -4.38
CA LEU A 135 17.56 14.01 -3.48
C LEU A 135 18.11 12.63 -3.76
N PRO A 136 19.13 12.22 -3.00
CA PRO A 136 19.72 10.91 -3.32
C PRO A 136 18.75 9.74 -3.04
N ASN A 137 18.81 8.72 -3.89
CA ASN A 137 18.13 7.47 -3.63
C ASN A 137 18.68 6.85 -2.36
N VAL A 138 17.81 6.53 -1.43
CA VAL A 138 18.19 6.10 -0.09
C VAL A 138 17.37 4.90 0.31
N ALA A 139 17.93 4.02 1.16
CA ALA A 139 17.13 2.98 1.81
C ALA A 139 16.58 3.52 3.11
N TRP A 140 15.26 3.70 3.14
CA TRP A 140 14.55 4.13 4.34
C TRP A 140 14.28 2.87 5.13
N THR A 141 14.84 2.80 6.35
CA THR A 141 14.82 1.60 7.16
C THR A 141 14.38 1.97 8.55
N ASN A 142 14.18 0.97 9.40
CA ASN A 142 13.72 1.23 10.76
C ASN A 142 14.78 1.90 11.62
N ILE A 143 16.05 1.83 11.21
CA ILE A 143 17.09 2.57 11.91
C ILE A 143 17.40 3.91 11.25
N GLY A 144 16.55 4.38 10.33
CA GLY A 144 16.75 5.66 9.62
C GLY A 144 17.22 5.44 8.19
N ALA A 145 17.66 6.51 7.55
CA ALA A 145 18.22 6.46 6.19
C ALA A 145 19.57 5.74 6.14
N VAL A 146 19.75 4.94 5.12
CA VAL A 146 20.94 4.13 4.97
C VAL A 146 21.33 4.21 3.51
N ASP A 147 22.61 4.51 3.27
CA ASP A 147 23.13 4.63 1.92
C ASP A 147 23.12 3.27 1.26
N LEU A 148 22.75 3.22 0.00
CA LEU A 148 22.55 1.95 -0.70
C LEU A 148 23.80 1.07 -0.75
N ALA A 149 24.97 1.70 -0.74
CA ALA A 149 26.24 0.98 -0.83
C ALA A 149 26.61 0.42 0.53
N GLU A 150 25.99 0.94 1.57
CA GLU A 150 26.24 0.48 2.92
C GLU A 150 25.19 -0.51 3.41
N LEU A 151 24.10 -0.68 2.66
CA LEU A 151 22.93 -1.45 3.13
C LEU A 151 23.17 -2.93 3.33
N ALA A 152 23.65 -3.61 2.29
CA ALA A 152 23.78 -5.07 2.28
C ALA A 152 24.54 -5.59 3.49
N GLU A 153 25.54 -4.83 3.90
CA GLU A 153 26.35 -5.14 5.07
C GLU A 153 25.49 -5.08 6.33
N LEU A 154 24.76 -3.98 6.47
CA LEU A 154 23.92 -3.79 7.65
C LEU A 154 22.76 -4.79 7.70
N GLN A 155 22.28 -5.25 6.55
CA GLN A 155 21.22 -6.25 6.53
C GLN A 155 21.77 -7.57 7.09
N LEU A 156 23.00 -7.92 6.70
CA LEU A 156 23.67 -9.13 7.19
C LEU A 156 23.83 -9.07 8.71
N GLU A 157 24.34 -7.95 9.22
CA GLU A 157 24.68 -7.89 10.64
C GLU A 157 23.44 -8.04 11.50
N ALA A 158 22.35 -7.39 11.12
CA ALA A 158 21.09 -7.60 11.83
C ALA A 158 20.66 -9.08 11.81
N ARG A 159 20.79 -9.77 10.68
CA ARG A 159 20.39 -11.18 10.62
C ARG A 159 21.20 -12.06 11.56
N LEU A 160 22.47 -11.71 11.72
CA LEU A 160 23.39 -12.50 12.55
C LEU A 160 23.02 -12.41 14.01
N LYS A 161 22.39 -11.30 14.40
CA LYS A 161 21.89 -11.10 15.77
C LYS A 161 20.44 -11.51 15.91
N GLY A 162 19.90 -12.25 14.94
CA GLY A 162 18.50 -12.68 15.01
C GLY A 162 17.47 -11.58 14.77
N LYS A 163 17.94 -10.41 14.34
CA LYS A 163 17.08 -9.25 14.11
C LYS A 163 16.72 -9.08 12.63
N LEU A 164 15.98 -8.01 12.33
CA LEU A 164 15.69 -7.60 10.95
C LEU A 164 16.00 -6.13 10.78
N LEU A 165 16.76 -5.80 9.74
CA LEU A 165 16.82 -4.43 9.25
C LEU A 165 15.71 -4.31 8.21
N GLU A 166 14.61 -3.66 8.60
CA GLU A 166 13.47 -3.52 7.71
C GLU A 166 13.68 -2.39 6.72
N VAL A 167 13.53 -2.69 5.43
CA VAL A 167 13.69 -1.72 4.39
C VAL A 167 12.31 -1.45 3.81
N PHE A 168 11.67 -0.40 4.29
CA PHE A 168 10.29 -0.14 3.88
C PHE A 168 10.18 0.70 2.63
N SER A 169 11.24 1.38 2.24
CA SER A 169 11.20 2.17 1.03
C SER A 169 12.61 2.36 0.51
N VAL A 170 12.78 2.28 -0.80
CA VAL A 170 14.01 2.64 -1.45
C VAL A 170 13.67 3.72 -2.50
N ASP A 171 13.92 4.99 -2.19
CA ASP A 171 13.46 6.08 -3.04
C ASP A 171 14.17 7.37 -2.72
N LYS A 172 13.99 8.35 -3.60
CA LYS A 172 14.55 9.67 -3.39
C LYS A 172 13.74 10.51 -2.39
N PHE A 173 12.47 10.17 -2.19
CA PHE A 173 11.61 10.84 -1.22
C PHE A 173 11.24 9.92 -0.07
N PRO A 174 11.42 10.36 1.17
CA PRO A 174 10.90 9.54 2.25
C PRO A 174 9.42 9.81 2.44
N LYS A 175 8.77 9.06 3.32
CA LYS A 175 7.37 9.34 3.61
C LYS A 175 7.26 10.50 4.59
N MET A 176 6.28 11.36 4.36
CA MET A 176 6.07 12.62 5.06
C MET A 176 6.02 12.47 6.57
N THR A 177 5.25 11.48 7.04
CA THR A 177 4.90 11.36 8.45
C THR A 177 6.07 10.91 9.29
N ASP A 178 7.16 10.49 8.64
CA ASP A 178 8.40 10.31 9.37
C ASP A 178 9.11 11.67 9.68
N TYR A 179 8.56 12.78 9.18
CA TYR A 179 9.02 14.13 9.48
C TYR A 179 7.94 15.01 10.13
N VAL A 180 6.72 14.93 9.61
CA VAL A 180 5.61 15.76 10.09
C VAL A 180 4.25 15.10 9.92
N VAL A 181 3.40 15.30 10.92
CA VAL A 181 2.00 15.02 10.78
C VAL A 181 1.33 16.33 11.11
N PRO A 182 0.79 17.03 10.09
CA PRO A 182 0.16 18.30 10.36
C PRO A 182 -1.21 18.07 10.99
N ALA A 183 -1.75 19.11 11.60
CA ALA A 183 -2.91 19.00 12.45
C ALA A 183 -4.17 18.73 11.63
N GLY A 184 -5.12 18.00 12.21
CA GLY A 184 -6.44 17.74 11.59
C GLY A 184 -6.48 16.80 10.37
N VAL A 185 -5.63 15.79 10.39
CA VAL A 185 -5.32 15.01 9.21
C VAL A 185 -5.35 13.53 9.61
N ARG A 186 -5.89 12.71 8.72
CA ARG A 186 -5.75 11.28 8.79
C ARG A 186 -5.07 10.72 7.56
N ILE A 187 -4.13 9.80 7.77
CA ILE A 187 -3.48 9.12 6.67
C ILE A 187 -3.37 7.63 7.03
N ALA A 188 -4.15 6.81 6.34
CA ALA A 188 -4.39 5.43 6.74
C ALA A 188 -3.14 4.59 6.59
N ASP A 189 -2.52 4.68 5.43
CA ASP A 189 -1.24 4.04 5.13
C ASP A 189 -0.26 5.14 4.72
N THR A 190 0.66 5.48 5.62
CA THR A 190 1.48 6.66 5.46
C THR A 190 2.61 6.46 4.48
N ALA A 191 2.83 5.21 4.07
CA ALA A 191 3.79 4.87 3.02
C ALA A 191 3.44 5.60 1.73
N ARG A 192 2.18 5.98 1.60
CA ARG A 192 1.62 6.57 0.39
C ARG A 192 1.49 8.09 0.38
N VAL A 193 2.10 8.80 1.33
CA VAL A 193 2.20 10.26 1.24
C VAL A 193 3.64 10.70 1.39
N ARG A 194 4.21 11.22 0.30
CA ARG A 194 5.59 11.66 0.27
C ARG A 194 5.81 12.94 1.04
N LEU A 195 7.02 13.07 1.60
CA LEU A 195 7.46 14.36 2.11
C LEU A 195 7.35 15.29 0.93
N GLY A 196 6.77 16.47 1.17
CA GLY A 196 6.49 17.42 0.10
C GLY A 196 5.02 17.47 -0.23
N ALA A 197 4.24 16.54 0.33
CA ALA A 197 2.79 16.57 0.16
C ALA A 197 2.21 17.61 1.11
N TYR A 198 1.16 18.26 0.64
CA TYR A 198 0.43 19.21 1.44
C TYR A 198 -0.95 18.60 1.72
N ILE A 199 -1.17 18.19 2.96
CA ILE A 199 -2.44 17.57 3.34
C ILE A 199 -3.21 18.54 4.20
N GLY A 200 -4.24 19.12 3.61
CA GLY A 200 -4.96 20.19 4.25
C GLY A 200 -5.83 19.73 5.39
N GLU A 201 -6.08 20.63 6.31
CA GLU A 201 -6.85 20.34 7.50
C GLU A 201 -8.20 19.71 7.13
N GLY A 202 -8.55 18.65 7.85
CA GLY A 202 -9.81 17.94 7.64
C GLY A 202 -9.78 17.02 6.42
N THR A 203 -8.59 16.70 5.95
CA THR A 203 -8.45 15.74 4.86
C THR A 203 -8.25 14.38 5.46
N THR A 204 -8.85 13.35 4.87
CA THR A 204 -8.47 11.97 5.22
C THR A 204 -7.99 11.27 3.98
N VAL A 205 -6.78 10.73 4.04
CA VAL A 205 -6.23 9.94 2.98
C VAL A 205 -6.38 8.49 3.38
N MET A 206 -7.23 7.77 2.64
CA MET A 206 -7.46 6.36 2.93
C MET A 206 -6.30 5.55 2.37
N HIS A 207 -6.37 4.25 2.59
CA HIS A 207 -5.31 3.31 2.26
C HIS A 207 -4.98 3.33 0.78
N GLU A 208 -6.00 3.41 -0.05
CA GLU A 208 -5.79 3.43 -1.49
C GLU A 208 -5.40 4.86 -1.95
N GLY A 209 -5.50 5.84 -1.06
CA GLY A 209 -5.14 7.20 -1.41
C GLY A 209 -3.64 7.30 -1.57
N PHE A 210 -3.19 8.27 -2.38
CA PHE A 210 -1.78 8.54 -2.55
C PHE A 210 -1.58 10.02 -2.89
N VAL A 211 -0.60 10.67 -2.27
CA VAL A 211 -0.31 12.10 -2.56
C VAL A 211 1.20 12.29 -2.77
N ASN A 212 1.56 12.66 -3.98
CA ASN A 212 2.96 12.89 -4.34
C ASN A 212 3.42 14.21 -3.73
N PHE A 213 4.71 14.53 -3.91
CA PHE A 213 5.25 15.83 -3.51
C PHE A 213 4.66 16.94 -4.37
N ASN A 214 4.65 18.15 -3.82
CA ASN A 214 4.13 19.32 -4.51
C ASN A 214 2.70 19.10 -4.94
N ALA A 215 1.93 18.48 -4.07
CA ALA A 215 0.59 18.07 -4.42
C ALA A 215 -0.20 18.00 -3.17
N GLY A 216 -1.52 18.01 -3.30
CA GLY A 216 -2.37 17.68 -2.20
C GLY A 216 -3.72 18.34 -2.15
N THR A 217 -4.14 18.66 -0.93
CA THR A 217 -5.50 19.05 -0.68
C THR A 217 -5.57 20.33 0.13
N GLU A 218 -6.48 21.20 -0.30
CA GLU A 218 -6.92 22.32 0.50
C GLU A 218 -7.46 21.88 1.85
N GLY A 219 -8.27 20.81 1.86
CA GLY A 219 -8.95 20.37 3.06
C GLY A 219 -10.25 21.16 3.18
N PRO A 220 -11.32 20.54 3.70
CA PRO A 220 -11.44 19.12 4.00
C PRO A 220 -11.59 18.31 2.73
N GLY A 221 -11.60 16.99 2.85
CA GLY A 221 -11.78 16.10 1.73
C GLY A 221 -11.41 14.67 2.02
N MET A 222 -11.86 13.78 1.15
CA MET A 222 -11.63 12.34 1.24
C MET A 222 -10.78 11.93 0.04
N ILE A 223 -9.55 11.47 0.28
CA ILE A 223 -8.66 11.05 -0.79
C ILE A 223 -8.44 9.54 -0.73
N GLU A 224 -8.91 8.85 -1.76
CA GLU A 224 -8.81 7.39 -1.90
C GLU A 224 -8.28 6.99 -3.29
N GLY A 225 -7.85 7.99 -4.05
CA GLY A 225 -7.18 7.82 -5.33
C GLY A 225 -5.87 8.56 -5.31
N ARG A 226 -5.24 8.65 -6.47
CA ARG A 226 -3.86 9.09 -6.59
C ARG A 226 -3.75 10.53 -7.02
N VAL A 227 -3.11 11.34 -6.18
CA VAL A 227 -2.90 12.73 -6.46
C VAL A 227 -1.48 12.88 -6.94
N SER A 228 -1.30 12.96 -8.25
CA SER A 228 0.03 13.08 -8.84
C SER A 228 0.71 14.39 -8.46
N ALA A 229 2.01 14.45 -8.73
CA ALA A 229 2.84 15.60 -8.41
C ALA A 229 2.32 16.83 -9.14
N GLY A 230 2.17 17.96 -8.42
CA GLY A 230 1.66 19.16 -9.02
C GLY A 230 0.14 19.21 -9.08
N VAL A 231 -0.55 18.24 -8.52
CA VAL A 231 -2.02 18.21 -8.53
C VAL A 231 -2.52 18.67 -7.18
N PHE A 232 -3.32 19.72 -7.19
CA PHE A 232 -3.94 20.27 -6.01
C PHE A 232 -5.44 20.04 -6.07
N VAL A 233 -6.01 19.68 -4.92
CA VAL A 233 -7.43 19.33 -4.81
C VAL A 233 -8.11 20.34 -3.91
N GLY A 234 -9.14 21.02 -4.43
CA GLY A 234 -9.84 22.05 -3.67
C GLY A 234 -10.46 21.49 -2.40
N LYS A 235 -11.07 22.40 -1.64
CA LYS A 235 -12.11 22.29 -0.61
C LYS A 235 -13.26 21.32 -0.89
N GLY A 236 -13.47 20.37 0.02
CA GLY A 236 -14.65 19.51 -0.01
C GLY A 236 -14.76 18.56 -1.18
N SER A 237 -13.64 18.33 -1.87
CA SER A 237 -13.64 17.41 -2.99
C SER A 237 -13.31 16.00 -2.50
N ASP A 238 -13.92 15.03 -3.17
CA ASP A 238 -13.75 13.63 -2.82
C ASP A 238 -13.18 12.85 -3.99
N LEU A 239 -12.10 12.12 -3.75
CA LEU A 239 -11.52 11.25 -4.75
C LEU A 239 -11.80 9.82 -4.34
N GLY A 240 -12.58 9.13 -5.15
CA GLY A 240 -12.99 7.75 -4.87
C GLY A 240 -11.84 6.76 -4.91
N GLY A 241 -12.08 5.60 -4.32
CA GLY A 241 -11.11 4.51 -4.24
C GLY A 241 -10.52 4.13 -5.58
N GLY A 242 -9.19 4.28 -5.69
CA GLY A 242 -8.45 3.90 -6.87
C GLY A 242 -8.65 4.80 -8.07
N CYS A 243 -9.14 6.02 -7.90
CA CYS A 243 -9.18 6.93 -9.04
C CYS A 243 -7.79 7.49 -9.28
N SER A 244 -7.60 8.03 -10.48
CA SER A 244 -6.30 8.47 -10.96
C SER A 244 -6.36 9.95 -11.34
N THR A 245 -5.30 10.68 -11.05
CA THR A 245 -5.09 12.01 -11.63
C THR A 245 -3.78 11.96 -12.41
N MET A 246 -3.81 12.47 -13.62
CA MET A 246 -2.75 12.27 -14.60
C MET A 246 -1.50 13.06 -14.23
N GLY A 247 -0.34 12.45 -14.48
CA GLY A 247 0.94 13.10 -14.23
C GLY A 247 1.27 14.04 -15.37
N THR A 248 2.44 14.68 -15.25
CA THR A 248 2.88 15.71 -16.19
C THR A 248 4.39 15.62 -16.41
N ILE A 255 -2.03 21.45 -19.35
CA ILE A 255 -0.75 21.34 -18.64
C ILE A 255 -1.01 20.91 -17.18
N VAL A 256 -1.19 21.85 -16.25
CA VAL A 256 -1.35 21.48 -14.83
C VAL A 256 -2.73 20.88 -14.56
N ILE A 257 -2.77 19.65 -14.06
CA ILE A 257 -4.04 19.04 -13.65
C ILE A 257 -4.39 19.50 -12.23
N SER A 258 -5.63 19.91 -12.03
CA SER A 258 -6.12 20.27 -10.70
C SER A 258 -7.54 19.78 -10.51
N VAL A 259 -8.00 19.86 -9.28
CA VAL A 259 -9.38 19.53 -8.96
C VAL A 259 -9.95 20.69 -8.15
N GLY A 260 -11.12 21.13 -8.58
CA GLY A 260 -11.82 22.27 -7.97
C GLY A 260 -12.44 21.88 -6.66
N GLU A 261 -13.40 22.69 -6.23
CA GLU A 261 -14.08 22.48 -4.96
C GLU A 261 -15.34 21.66 -5.19
N GLY A 262 -15.64 20.77 -4.23
CA GLY A 262 -16.90 20.05 -4.24
C GLY A 262 -17.04 18.98 -5.30
N CYS A 263 -15.93 18.56 -5.91
CA CYS A 263 -16.00 17.53 -6.94
C CYS A 263 -16.13 16.16 -6.31
N LEU A 264 -16.56 15.20 -7.12
CA LEU A 264 -16.62 13.78 -6.77
C LEU A 264 -16.01 13.00 -7.94
N ILE A 265 -14.83 12.45 -7.75
CA ILE A 265 -14.24 11.64 -8.78
C ILE A 265 -14.54 10.20 -8.37
N GLY A 266 -15.27 9.49 -9.21
CA GLY A 266 -15.75 8.16 -8.86
C GLY A 266 -14.63 7.16 -8.60
N ALA A 267 -14.96 6.10 -7.86
CA ALA A 267 -14.04 4.99 -7.67
C ALA A 267 -13.55 4.49 -9.04
N ASN A 268 -12.27 4.16 -9.13
CA ASN A 268 -11.66 3.66 -10.36
C ASN A 268 -11.82 4.51 -11.59
N ALA A 269 -12.13 5.79 -11.43
CA ALA A 269 -12.20 6.67 -12.58
C ALA A 269 -10.88 7.43 -12.73
N GLY A 270 -10.83 8.40 -13.63
CA GLY A 270 -9.61 9.16 -13.83
C GLY A 270 -9.81 10.44 -14.61
N ILE A 271 -8.91 11.41 -14.38
CA ILE A 271 -8.94 12.67 -15.09
C ILE A 271 -7.59 13.05 -15.66
N GLY A 272 -7.62 13.39 -16.95
CA GLY A 272 -6.47 13.92 -17.67
C GLY A 272 -6.71 15.39 -18.00
N ILE A 273 -7.66 16.02 -17.32
CA ILE A 273 -7.89 17.47 -17.46
C ILE A 273 -8.12 18.09 -16.08
N PRO A 274 -7.94 19.41 -15.97
CA PRO A 274 -8.37 20.08 -14.76
C PRO A 274 -9.89 20.04 -14.64
N LEU A 275 -10.40 19.59 -13.50
CA LEU A 275 -11.83 19.57 -13.27
C LEU A 275 -12.23 20.85 -12.57
N GLY A 276 -13.19 21.57 -13.15
CA GLY A 276 -13.73 22.77 -12.50
C GLY A 276 -14.55 22.37 -11.30
N ASP A 277 -15.08 23.37 -10.59
CA ASP A 277 -15.80 23.14 -9.34
C ASP A 277 -17.04 22.28 -9.54
N ARG A 278 -17.36 21.45 -8.56
CA ARG A 278 -18.59 20.63 -8.57
C ARG A 278 -18.70 19.74 -9.81
N ASN A 279 -17.59 19.25 -10.32
CA ASN A 279 -17.65 18.26 -11.37
C ASN A 279 -17.80 16.89 -10.75
N ILE A 280 -18.44 16.00 -11.50
CA ILE A 280 -18.62 14.64 -11.08
C ILE A 280 -18.15 13.76 -12.22
N VAL A 281 -17.34 12.76 -11.88
CA VAL A 281 -16.86 11.78 -12.83
C VAL A 281 -17.35 10.41 -12.35
N GLU A 282 -18.02 9.69 -13.23
CA GLU A 282 -18.67 8.42 -12.93
C GLU A 282 -17.64 7.37 -12.57
N ALA A 283 -17.99 6.49 -11.64
CA ALA A 283 -17.15 5.36 -11.25
C ALA A 283 -16.74 4.63 -12.50
N GLY A 284 -15.43 4.40 -12.66
CA GLY A 284 -14.92 3.63 -13.78
C GLY A 284 -14.59 4.39 -15.07
N LEU A 285 -14.90 5.69 -15.13
CA LEU A 285 -14.68 6.46 -16.35
C LEU A 285 -13.32 7.15 -16.34
N TYR A 286 -12.50 6.94 -17.37
CA TYR A 286 -11.29 7.73 -17.48
C TYR A 286 -11.51 8.84 -18.48
N ILE A 287 -11.45 10.09 -18.02
CA ILE A 287 -11.61 11.24 -18.91
C ILE A 287 -10.23 11.75 -19.30
N THR A 288 -9.86 11.37 -20.51
CA THR A 288 -8.59 11.67 -21.12
C THR A 288 -8.72 13.02 -21.81
N ALA A 289 -7.60 13.71 -21.96
CA ALA A 289 -7.58 15.06 -22.57
C ALA A 289 -8.24 15.08 -23.95
N GLY A 290 -7.92 14.05 -24.74
CA GLY A 290 -8.41 13.93 -26.11
C GLY A 290 -9.71 13.15 -26.26
N THR A 291 -10.29 12.71 -25.14
CA THR A 291 -11.55 11.98 -25.19
C THR A 291 -12.60 12.88 -25.79
N LYS A 292 -13.35 12.33 -26.74
CA LYS A 292 -14.42 13.08 -27.35
C LYS A 292 -15.70 12.87 -26.56
N VAL A 293 -16.31 13.98 -26.14
CA VAL A 293 -17.39 13.97 -25.19
C VAL A 293 -18.63 14.57 -25.86
N ALA A 294 -19.77 13.90 -25.67
CA ALA A 294 -21.07 14.48 -25.98
C ALA A 294 -21.49 15.46 -24.89
N LEU A 295 -21.37 16.75 -25.18
CA LEU A 295 -21.81 17.78 -24.27
C LEU A 295 -23.32 17.90 -24.44
N LEU A 296 -24.05 17.85 -23.32
CA LEU A 296 -25.51 17.82 -23.36
C LEU A 296 -26.06 18.98 -22.54
N ASP A 297 -27.11 19.63 -23.06
CA ASP A 297 -27.83 20.68 -22.32
C ASP A 297 -28.75 20.06 -21.26
N GLU A 298 -29.44 20.88 -20.47
CA GLU A 298 -30.56 20.35 -19.67
C GLU A 298 -31.54 19.94 -20.75
N GLN A 299 -32.40 18.97 -20.50
CA GLN A 299 -33.17 18.34 -21.59
C GLN A 299 -32.35 17.26 -22.29
N ASN A 300 -31.07 17.14 -21.93
CA ASN A 300 -30.17 16.09 -22.43
C ASN A 300 -29.99 16.01 -23.96
N ALA A 301 -30.22 17.11 -24.66
CA ALA A 301 -29.98 17.13 -26.10
C ALA A 301 -28.53 17.46 -26.38
N LEU A 302 -28.02 16.93 -27.48
CA LEU A 302 -26.65 17.17 -27.90
C LEU A 302 -26.45 18.65 -28.27
N VAL A 303 -25.55 19.32 -27.57
CA VAL A 303 -24.90 20.53 -28.06
C VAL A 303 -23.77 19.87 -28.84
N LYS A 304 -22.67 20.51 -29.18
CA LYS A 304 -21.66 19.80 -29.96
C LYS A 304 -20.88 18.65 -29.25
N VAL A 305 -20.06 17.95 -30.03
CA VAL A 305 -19.08 16.99 -29.52
C VAL A 305 -17.72 17.65 -29.35
N VAL A 306 -17.27 17.80 -28.10
CA VAL A 306 -15.99 18.46 -27.81
C VAL A 306 -14.94 17.52 -27.18
N LYS A 307 -13.69 17.97 -27.22
CA LYS A 307 -12.60 17.23 -26.59
C LYS A 307 -12.66 17.57 -25.11
N ALA A 308 -12.53 16.57 -24.26
CA ALA A 308 -12.60 16.78 -22.83
C ALA A 308 -11.77 18.00 -22.43
N ARG A 309 -10.64 18.15 -23.09
CA ARG A 309 -9.72 19.29 -22.94
C ARG A 309 -10.41 20.68 -22.99
N ASP A 310 -11.39 20.83 -23.87
CA ASP A 310 -12.09 22.10 -23.98
C ASP A 310 -13.07 22.33 -22.85
N LEU A 311 -13.37 21.29 -22.07
CA LEU A 311 -14.21 21.41 -20.88
C LEU A 311 -13.43 21.68 -19.60
N ALA A 312 -12.12 21.80 -19.69
CA ALA A 312 -11.31 22.07 -18.50
C ALA A 312 -11.83 23.27 -17.73
N GLY A 313 -11.89 23.15 -16.41
CA GLY A 313 -12.19 24.29 -15.54
C GLY A 313 -13.65 24.70 -15.45
N GLN A 314 -14.51 24.09 -16.25
CA GLN A 314 -15.94 24.42 -16.27
C GLN A 314 -16.60 23.82 -15.05
N PRO A 315 -17.45 24.62 -14.35
CA PRO A 315 -18.12 24.08 -13.17
C PRO A 315 -19.35 23.26 -13.52
N ASP A 316 -19.79 22.45 -12.56
CA ASP A 316 -21.07 21.74 -12.65
C ASP A 316 -21.19 20.82 -13.85
N LEU A 317 -20.17 19.99 -14.09
CA LEU A 317 -20.27 19.01 -15.16
C LEU A 317 -20.44 17.64 -14.56
N LEU A 318 -21.27 16.83 -15.19
CA LEU A 318 -21.39 15.43 -14.82
C LEU A 318 -20.85 14.66 -16.00
N PHE A 319 -19.82 13.85 -15.74
CA PHE A 319 -19.20 13.01 -16.76
C PHE A 319 -19.63 11.58 -16.53
N ARG A 320 -19.99 10.92 -17.61
CA ARG A 320 -20.57 9.60 -17.56
C ARG A 320 -20.32 8.91 -18.88
N ARG A 321 -20.33 7.59 -18.86
CA ARG A 321 -20.31 6.82 -20.08
C ARG A 321 -21.67 6.16 -20.24
N ASN A 322 -22.38 6.53 -21.30
CA ASN A 322 -23.66 5.90 -21.63
C ASN A 322 -23.49 4.39 -21.63
N SER A 323 -24.26 3.72 -20.78
CA SER A 323 -24.16 2.29 -20.62
C SER A 323 -24.79 1.49 -21.76
N GLN A 324 -25.64 2.12 -22.59
CA GLN A 324 -26.27 1.45 -23.73
C GLN A 324 -25.60 1.70 -25.11
N ASN A 325 -24.95 2.85 -25.31
CA ASN A 325 -24.34 3.14 -26.63
C ASN A 325 -22.86 3.46 -26.58
N GLY A 326 -22.25 3.31 -25.41
CA GLY A 326 -20.83 3.55 -25.21
C GLY A 326 -20.32 4.99 -25.26
N ALA A 327 -21.18 5.97 -25.54
CA ALA A 327 -20.73 7.37 -25.69
C ALA A 327 -20.38 8.00 -24.36
N VAL A 328 -19.23 8.66 -24.29
CA VAL A 328 -18.91 9.47 -23.13
C VAL A 328 -19.69 10.76 -23.24
N GLU A 329 -20.46 11.06 -22.20
CA GLU A 329 -21.29 12.22 -22.16
C GLU A 329 -20.90 13.15 -21.02
N CYS A 330 -21.10 14.44 -21.24
CA CYS A 330 -21.03 15.41 -20.18
C CYS A 330 -22.41 16.06 -20.04
N LYS A 331 -23.09 15.77 -18.94
CA LYS A 331 -24.41 16.34 -18.69
C LYS A 331 -24.25 17.65 -17.94
N THR A 332 -25.07 18.64 -18.33
CA THR A 332 -25.07 19.97 -17.73
C THR A 332 -26.49 20.41 -17.38
N ASN A 333 -26.58 21.43 -16.53
CA ASN A 333 -27.85 22.12 -16.31
C ASN A 333 -27.81 23.51 -16.96
N LYS A 334 -27.49 23.54 -18.26
CA LYS A 334 -27.27 24.79 -18.98
C LYS A 334 -27.85 24.74 -20.40
N THR A 335 -28.26 25.89 -20.92
CA THR A 335 -28.76 25.97 -22.31
C THR A 335 -27.59 25.98 -23.29
N ALA A 336 -27.88 25.73 -24.55
CA ALA A 336 -26.85 25.76 -25.59
C ALA A 336 -26.15 27.11 -25.67
N ILE A 337 -26.92 28.18 -25.45
CA ILE A 337 -26.37 29.52 -25.42
C ILE A 337 -25.41 29.73 -24.26
N GLU A 338 -25.76 29.21 -23.10
CA GLU A 338 -24.90 29.29 -21.92
C GLU A 338 -23.58 28.53 -22.12
N LEU A 339 -23.67 27.31 -22.62
CA LEU A 339 -22.49 26.50 -22.92
C LEU A 339 -21.55 27.20 -23.91
N ASN A 340 -22.13 27.79 -24.96
CA ASN A 340 -21.38 28.54 -25.96
C ASN A 340 -20.57 29.67 -25.31
N GLU A 341 -21.22 30.41 -24.41
CA GLU A 341 -20.55 31.45 -23.65
C GLU A 341 -19.44 30.92 -22.75
N ALA A 342 -19.70 29.82 -22.04
CA ALA A 342 -18.71 29.25 -21.12
C ALA A 342 -17.48 28.71 -21.84
N LEU A 343 -17.67 28.13 -23.02
CA LEU A 343 -16.56 27.57 -23.80
C LEU A 343 -15.75 28.61 -24.60
N HIS A 344 -16.39 29.68 -25.06
CA HIS A 344 -15.78 30.56 -26.08
C HIS A 344 -15.63 32.01 -25.74
N ALA A 345 -16.24 32.49 -24.66
CA ALA A 345 -16.13 33.91 -24.31
C ALA A 345 -14.69 34.29 -24.04
N HIS A 346 -14.34 35.50 -24.46
CA HIS A 346 -12.99 36.03 -24.29
C HIS A 346 -12.82 36.69 -22.92
N MET B 4 -31.50 -6.46 38.52
CA MET B 4 -31.16 -7.92 38.48
C MET B 4 -29.98 -8.22 37.49
N SER B 5 -28.77 -8.47 37.99
CA SER B 5 -27.57 -8.66 37.12
C SER B 5 -27.64 -9.88 36.14
N GLN B 6 -27.20 -9.68 34.88
CA GLN B 6 -27.54 -10.60 33.74
C GLN B 6 -26.52 -11.67 33.33
N SER B 7 -26.72 -12.23 32.11
CA SER B 7 -25.74 -13.10 31.40
C SER B 7 -25.17 -12.44 30.14
N LEU B 8 -23.90 -12.05 30.25
CA LEU B 8 -23.35 -10.99 29.43
C LEU B 8 -23.19 -11.32 27.94
N PHE B 9 -23.25 -10.28 27.12
CA PHE B 9 -22.93 -10.35 25.71
C PHE B 9 -21.44 -10.63 25.53
N SER B 10 -20.58 -9.91 26.24
CA SER B 10 -19.15 -10.01 26.05
C SER B 10 -18.42 -9.52 27.26
N LEU B 11 -17.21 -10.04 27.47
CA LEU B 11 -16.31 -9.48 28.43
C LEU B 11 -14.90 -9.75 27.98
N ALA B 12 -13.98 -8.86 28.35
CA ALA B 12 -12.60 -9.01 27.98
C ALA B 12 -11.71 -8.17 28.86
N PHE B 13 -10.54 -8.70 29.17
CA PHE B 13 -9.54 -7.99 29.94
C PHE B 13 -8.46 -7.46 29.01
N GLY B 14 -8.28 -6.15 29.03
CA GLY B 14 -7.45 -5.45 28.07
C GLY B 14 -6.29 -4.71 28.69
N VAL B 15 -5.22 -4.60 27.91
CA VAL B 15 -4.11 -3.71 28.25
C VAL B 15 -4.08 -2.69 27.12
N GLY B 16 -3.94 -1.41 27.48
CA GLY B 16 -4.12 -0.34 26.51
C GLY B 16 -3.16 0.82 26.70
N THR B 17 -3.43 1.93 26.04
CA THR B 17 -2.52 3.06 26.12
C THR B 17 -3.33 4.34 26.30
N GLN B 18 -2.92 5.16 27.27
CA GLN B 18 -3.56 6.44 27.53
C GLN B 18 -2.61 7.58 27.18
N ASN B 19 -3.17 8.72 26.84
CA ASN B 19 -2.36 9.92 26.60
C ASN B 19 -2.11 10.67 27.92
N ARG B 20 -1.49 11.86 27.85
CA ARG B 20 -1.18 12.61 29.06
C ARG B 20 -2.43 13.09 29.79
N GLN B 21 -3.54 13.27 29.08
CA GLN B 21 -4.82 13.60 29.72
C GLN B 21 -5.65 12.35 30.04
N GLU B 22 -4.97 11.23 30.21
CA GLU B 22 -5.60 9.98 30.63
C GLU B 22 -6.72 9.46 29.73
N ALA B 23 -6.85 10.02 28.53
CA ALA B 23 -7.81 9.55 27.54
C ALA B 23 -7.25 8.27 26.92
N TRP B 24 -8.09 7.25 26.79
CA TRP B 24 -7.70 6.00 26.17
C TRP B 24 -7.54 6.14 24.67
N LEU B 25 -6.37 5.81 24.17
CA LEU B 25 -6.11 5.85 22.74
C LEU B 25 -6.51 4.53 22.10
N GLU B 26 -6.43 3.45 22.88
CA GLU B 26 -6.31 2.13 22.29
C GLU B 26 -6.37 1.06 23.37
N VAL B 27 -7.02 -0.07 23.08
CA VAL B 27 -6.98 -1.24 23.95
C VAL B 27 -6.75 -2.54 23.19
N PHE B 28 -5.86 -3.38 23.73
CA PHE B 28 -5.55 -4.69 23.18
C PHE B 28 -6.17 -5.76 24.09
N TYR B 29 -7.04 -6.59 23.50
CA TYR B 29 -7.64 -7.78 24.19
C TYR B 29 -7.10 -9.11 23.65
N ALA B 30 -6.28 -9.80 24.44
CA ALA B 30 -5.67 -11.06 24.06
C ALA B 30 -6.69 -12.15 23.83
N LEU B 31 -7.68 -12.24 24.70
CA LEU B 31 -8.60 -13.39 24.71
C LEU B 31 -10.01 -12.92 25.02
N PRO B 32 -10.65 -12.29 24.04
CA PRO B 32 -11.97 -11.76 24.27
C PRO B 32 -13.06 -12.82 24.27
N LEU B 33 -13.98 -12.71 25.22
CA LEU B 33 -15.08 -13.67 25.36
C LEU B 33 -16.40 -13.19 24.77
N LEU B 34 -17.02 -14.07 23.98
CA LEU B 34 -18.41 -13.90 23.55
C LEU B 34 -19.29 -14.79 24.43
N LYS B 35 -20.30 -14.18 25.04
CA LYS B 35 -21.20 -14.88 25.96
C LYS B 35 -20.43 -15.60 27.06
N PRO B 36 -19.67 -14.84 27.87
CA PRO B 36 -18.93 -15.44 28.95
C PRO B 36 -19.86 -16.09 29.97
N SER B 37 -19.39 -17.18 30.56
CA SER B 37 -20.19 -17.95 31.51
C SER B 37 -20.53 -17.11 32.75
N SER B 38 -21.65 -17.44 33.38
CA SER B 38 -22.08 -16.74 34.58
C SER B 38 -21.09 -16.97 35.71
N GLU B 39 -20.43 -18.13 35.68
CA GLU B 39 -19.40 -18.49 36.65
C GLU B 39 -18.22 -17.53 36.60
N ILE B 40 -17.78 -17.18 35.38
CA ILE B 40 -16.72 -16.19 35.19
C ILE B 40 -17.20 -14.81 35.67
N VAL B 41 -18.39 -14.40 35.25
CA VAL B 41 -18.87 -13.07 35.58
C VAL B 41 -19.02 -12.90 37.10
N ALA B 42 -19.52 -13.94 37.78
CA ALA B 42 -19.69 -13.92 39.23
C ALA B 42 -18.38 -13.81 40.02
N ALA B 43 -17.35 -14.53 39.58
CA ALA B 43 -16.01 -14.48 40.20
C ALA B 43 -15.36 -13.11 40.02
N VAL B 44 -15.66 -12.47 38.90
CA VAL B 44 -14.95 -11.28 38.49
C VAL B 44 -15.66 -9.98 38.90
N ALA B 45 -16.99 -9.93 38.85
CA ALA B 45 -17.71 -8.65 39.03
C ALA B 45 -17.50 -7.92 40.37
N PRO B 46 -17.51 -8.64 41.51
CA PRO B 46 -17.31 -7.95 42.80
C PRO B 46 -15.94 -7.28 42.94
N ILE B 47 -14.91 -7.88 42.34
CA ILE B 47 -13.55 -7.32 42.38
C ILE B 47 -13.44 -6.06 41.52
N LEU B 48 -14.00 -6.12 40.31
CA LEU B 48 -14.02 -4.98 39.39
C LEU B 48 -14.98 -3.87 39.82
N GLY B 49 -16.01 -4.22 40.57
CA GLY B 49 -17.08 -3.27 40.92
C GLY B 49 -18.12 -3.17 39.82
N TYR B 50 -18.27 -4.22 39.03
CA TYR B 50 -19.28 -4.25 37.99
C TYR B 50 -20.64 -4.42 38.62
N ALA B 51 -21.58 -3.59 38.20
CA ALA B 51 -22.89 -3.52 38.82
C ALA B 51 -23.95 -3.99 37.86
N ALA B 52 -24.04 -3.32 36.72
CA ALA B 52 -24.90 -3.75 35.62
C ALA B 52 -24.51 -3.07 34.31
N GLY B 53 -25.12 -3.52 33.22
CA GLY B 53 -25.02 -2.81 31.96
C GLY B 53 -23.70 -2.97 31.23
N ASN B 54 -23.32 -1.91 30.50
CA ASN B 54 -22.12 -1.89 29.68
C ASN B 54 -21.10 -0.96 30.30
N GLN B 55 -19.94 -1.50 30.62
CA GLN B 55 -19.03 -0.85 31.52
C GLN B 55 -17.59 -1.10 31.06
N ALA B 56 -16.78 -0.04 31.02
CA ALA B 56 -15.34 -0.16 30.80
C ALA B 56 -14.70 0.21 32.12
N LEU B 57 -14.23 -0.80 32.83
CA LEU B 57 -13.77 -0.63 34.22
C LEU B 57 -12.26 -0.77 34.32
N THR B 58 -11.60 0.32 34.66
CA THR B 58 -10.15 0.31 34.86
C THR B 58 -9.83 -0.54 36.07
N PHE B 59 -8.69 -1.21 36.04
CA PHE B 59 -8.27 -1.96 37.22
C PHE B 59 -6.78 -2.00 37.36
N THR B 60 -6.39 -2.25 38.61
CA THR B 60 -5.03 -2.18 39.10
C THR B 60 -4.30 -3.50 38.93
N SER B 61 -2.98 -3.43 38.97
CA SER B 61 -2.13 -4.58 39.06
C SER B 61 -2.53 -5.53 40.21
N GLN B 62 -2.80 -5.01 41.41
CA GLN B 62 -3.26 -5.87 42.52
C GLN B 62 -4.63 -6.50 42.25
N GLN B 63 -5.54 -5.74 41.66
CA GLN B 63 -6.81 -6.29 41.25
C GLN B 63 -6.57 -7.42 40.22
N ALA B 64 -5.55 -7.26 39.39
CA ALA B 64 -5.23 -8.27 38.38
C ALA B 64 -4.87 -9.57 39.06
N TYR B 65 -4.00 -9.53 40.05
CA TYR B 65 -3.68 -10.73 40.82
C TYR B 65 -4.92 -11.38 41.45
N GLN B 66 -5.76 -10.56 42.07
CA GLN B 66 -6.99 -11.06 42.69
C GLN B 66 -7.88 -11.77 41.69
N LEU B 67 -8.01 -11.17 40.51
CA LEU B 67 -8.85 -11.73 39.45
C LEU B 67 -8.30 -13.04 38.93
N ALA B 68 -6.98 -13.12 38.80
CA ALA B 68 -6.33 -14.34 38.36
C ALA B 68 -6.54 -15.46 39.37
N ASP B 69 -6.45 -15.10 40.64
CA ASP B 69 -6.73 -16.04 41.72
C ASP B 69 -8.20 -16.47 41.74
N ALA B 70 -9.11 -15.52 41.56
CA ALA B 70 -10.55 -15.82 41.50
C ALA B 70 -10.95 -16.75 40.33
N LEU B 71 -10.27 -16.62 39.21
CA LEU B 71 -10.58 -17.44 38.04
C LEU B 71 -9.73 -18.71 37.92
N LYS B 72 -8.79 -18.88 38.83
CA LYS B 72 -8.05 -20.13 38.93
C LYS B 72 -9.06 -21.25 39.19
N GLY B 73 -9.10 -22.25 38.33
CA GLY B 73 -10.10 -23.31 38.48
C GLY B 73 -11.50 -22.97 37.99
N ILE B 74 -11.65 -21.86 37.27
CA ILE B 74 -12.90 -21.52 36.58
C ILE B 74 -12.65 -21.39 35.07
N ASP B 75 -11.61 -20.63 34.73
CA ASP B 75 -11.15 -20.53 33.34
C ASP B 75 -9.64 -20.33 33.35
N ALA B 76 -8.89 -21.39 33.06
CA ALA B 76 -7.45 -21.35 33.22
C ALA B 76 -6.82 -20.31 32.31
N ALA B 77 -7.28 -20.23 31.08
CA ALA B 77 -6.75 -19.28 30.11
C ALA B 77 -6.88 -17.86 30.61
N GLN B 78 -8.09 -17.46 31.02
CA GLN B 78 -8.29 -16.11 31.54
C GLN B 78 -7.42 -15.86 32.77
N SER B 79 -7.31 -16.84 33.64
CA SER B 79 -6.50 -16.67 34.84
C SER B 79 -5.04 -16.41 34.47
N ALA B 80 -4.52 -17.20 33.54
CA ALA B 80 -3.16 -17.02 33.04
C ALA B 80 -2.98 -15.63 32.41
N LEU B 81 -3.94 -15.19 31.62
CA LEU B 81 -3.87 -13.87 31.04
C LEU B 81 -3.81 -12.82 32.14
N LEU B 82 -4.69 -12.92 33.13
CA LEU B 82 -4.69 -11.94 34.20
C LEU B 82 -3.35 -11.92 34.93
N SER B 83 -2.73 -13.08 35.10
CA SER B 83 -1.45 -13.13 35.79
C SER B 83 -0.39 -12.34 35.02
N ARG B 84 -0.38 -12.50 33.70
CA ARG B 84 0.51 -11.73 32.82
C ARG B 84 0.20 -10.21 32.86
N LEU B 85 -1.08 -9.88 32.76
CA LEU B 85 -1.55 -8.48 32.87
C LEU B 85 -1.11 -7.81 34.20
N ALA B 86 -0.98 -8.60 35.25
CA ALA B 86 -0.54 -8.09 36.54
C ALA B 86 0.89 -7.53 36.48
N GLU B 87 1.72 -8.09 35.60
CA GLU B 87 3.08 -7.60 35.39
C GLU B 87 3.15 -6.34 34.53
N SER B 88 2.03 -5.91 33.96
CA SER B 88 2.07 -4.89 32.93
C SER B 88 2.46 -3.52 33.43
N GLN B 89 3.15 -2.80 32.56
CA GLN B 89 3.57 -1.45 32.80
C GLN B 89 2.45 -0.50 32.33
N LYS B 90 1.65 -0.95 31.36
CA LYS B 90 0.57 -0.15 30.78
C LYS B 90 -0.74 -0.35 31.52
N PRO B 91 -1.68 0.59 31.36
CA PRO B 91 -2.93 0.52 32.12
C PRO B 91 -3.88 -0.59 31.64
N LEU B 92 -4.64 -1.15 32.58
CA LEU B 92 -5.56 -2.25 32.30
C LEU B 92 -7.02 -1.81 32.33
N VAL B 93 -7.86 -2.42 31.49
CA VAL B 93 -9.33 -2.25 31.56
C VAL B 93 -10.08 -3.52 31.37
N ALA B 94 -11.14 -3.71 32.16
CA ALA B 94 -12.02 -4.85 32.00
C ALA B 94 -13.31 -4.32 31.43
N THR B 95 -13.67 -4.75 30.23
CA THR B 95 -14.89 -4.27 29.64
C THR B 95 -15.94 -5.37 29.65
N LEU B 96 -17.02 -5.10 30.38
CA LEU B 96 -18.10 -6.06 30.55
C LEU B 96 -19.33 -5.46 29.90
N LEU B 97 -19.85 -6.18 28.92
CA LEU B 97 -20.97 -5.74 28.13
C LEU B 97 -22.16 -6.66 28.38
N ALA B 98 -23.17 -6.15 29.08
CA ALA B 98 -24.40 -6.91 29.30
C ALA B 98 -25.10 -7.19 27.97
N GLU B 99 -25.12 -6.18 27.12
CA GLU B 99 -25.84 -6.27 25.85
C GLU B 99 -24.98 -5.77 24.70
N ASP B 100 -25.22 -6.34 23.53
CA ASP B 100 -24.76 -5.78 22.29
C ASP B 100 -25.61 -4.53 21.96
N ALA B 101 -25.06 -3.35 22.26
CA ALA B 101 -25.73 -2.07 22.04
C ALA B 101 -24.74 -1.07 21.50
N ALA B 102 -25.25 0.06 21.01
CA ALA B 102 -24.40 1.14 20.56
C ALA B 102 -23.33 1.37 21.61
N PRO B 103 -22.06 1.38 21.21
CA PRO B 103 -21.01 1.53 22.21
C PRO B 103 -20.93 2.92 22.86
N SER B 104 -20.42 2.93 24.10
CA SER B 104 -20.39 4.13 24.91
C SER B 104 -18.99 4.51 25.42
N SER B 105 -17.97 3.79 25.00
CA SER B 105 -16.60 4.07 25.41
C SER B 105 -15.60 3.60 24.37
N THR B 106 -14.41 4.18 24.44
CA THR B 106 -13.32 3.79 23.58
C THR B 106 -13.00 2.33 23.84
N ALA B 107 -12.89 1.94 25.11
CA ALA B 107 -12.64 0.54 25.46
C ALA B 107 -13.61 -0.42 24.81
N GLU B 108 -14.91 -0.12 24.88
CA GLU B 108 -15.94 -0.93 24.28
C GLU B 108 -15.83 -0.95 22.75
N ALA B 109 -15.58 0.20 22.13
CA ALA B 109 -15.49 0.23 20.68
C ALA B 109 -14.39 -0.71 20.23
N TYR B 110 -13.29 -0.71 20.96
CA TYR B 110 -12.17 -1.58 20.63
C TYR B 110 -12.55 -3.06 20.81
N LEU B 111 -13.32 -3.37 21.85
CA LEU B 111 -13.70 -4.76 22.09
C LEU B 111 -14.54 -5.26 20.93
N LYS B 112 -15.51 -4.46 20.50
CA LYS B 112 -16.40 -4.88 19.43
C LYS B 112 -15.64 -5.15 18.13
N LEU B 113 -14.60 -4.35 17.86
CA LEU B 113 -13.81 -4.59 16.66
C LEU B 113 -13.00 -5.87 16.84
N HIS B 114 -12.55 -6.13 18.07
CA HIS B 114 -11.82 -7.38 18.38
C HIS B 114 -12.71 -8.59 18.13
N LEU B 115 -13.96 -8.50 18.56
CA LEU B 115 -14.92 -9.58 18.36
C LEU B 115 -15.07 -9.91 16.88
N LEU B 116 -15.11 -8.89 16.04
CA LEU B 116 -15.17 -9.07 14.61
C LEU B 116 -13.92 -9.75 14.09
N SER B 117 -12.74 -9.31 14.56
CA SER B 117 -11.51 -9.77 13.93
C SER B 117 -11.04 -11.14 14.44
N HIS B 118 -11.42 -11.48 15.67
CA HIS B 118 -11.27 -12.86 16.18
C HIS B 118 -12.29 -13.80 15.52
N ARG B 119 -13.24 -13.22 14.78
CA ARG B 119 -14.32 -13.96 14.13
C ARG B 119 -15.38 -14.51 15.06
N LEU B 120 -15.45 -13.99 16.27
CA LEU B 120 -16.48 -14.40 17.21
C LEU B 120 -17.84 -13.90 16.73
N VAL B 121 -17.87 -12.77 16.03
CA VAL B 121 -19.10 -12.32 15.37
C VAL B 121 -18.80 -11.92 13.93
N LYS B 122 -19.84 -11.92 13.10
CA LYS B 122 -19.72 -11.57 11.70
C LYS B 122 -20.14 -10.12 11.38
N PRO B 123 -19.65 -9.59 10.27
CA PRO B 123 -20.11 -8.26 9.88
C PRO B 123 -21.63 -8.17 9.91
N HIS B 124 -22.14 -7.06 10.42
CA HIS B 124 -23.59 -6.81 10.63
C HIS B 124 -24.26 -7.49 11.80
N ALA B 125 -23.56 -8.36 12.51
CA ALA B 125 -24.15 -9.06 13.64
C ALA B 125 -23.97 -8.30 14.95
N VAL B 126 -23.21 -7.22 14.90
CA VAL B 126 -22.80 -6.48 16.09
C VAL B 126 -23.16 -4.99 15.90
N ASN B 127 -23.50 -4.29 16.98
CA ASN B 127 -23.94 -2.89 16.88
C ASN B 127 -22.73 -1.95 16.97
N LEU B 128 -22.41 -1.30 15.86
CA LEU B 128 -21.28 -0.36 15.75
C LEU B 128 -21.76 1.08 15.52
N SER B 129 -23.04 1.30 15.74
CA SER B 129 -23.63 2.62 15.66
C SER B 129 -22.92 3.68 16.56
N GLY B 130 -22.59 4.83 15.99
CA GLY B 130 -21.84 5.89 16.68
C GLY B 130 -20.40 5.60 17.07
N ILE B 131 -19.75 4.64 16.44
CA ILE B 131 -18.41 4.25 16.87
C ILE B 131 -17.30 5.26 16.54
N PHE B 132 -17.47 6.00 15.44
CA PHE B 132 -16.40 6.91 15.02
C PHE B 132 -15.95 7.92 16.11
N PRO B 133 -16.89 8.63 16.75
CA PRO B 133 -16.48 9.51 17.86
C PRO B 133 -15.75 8.82 19.01
N LEU B 134 -15.90 7.50 19.16
CA LEU B 134 -15.25 6.77 20.25
C LEU B 134 -13.83 6.31 19.97
N LEU B 135 -13.42 6.43 18.71
CA LEU B 135 -12.15 5.95 18.24
C LEU B 135 -11.27 7.18 17.92
N PRO B 136 -10.37 7.53 18.84
CA PRO B 136 -9.60 8.76 18.64
C PRO B 136 -8.59 8.64 17.53
N ASN B 137 -8.32 9.74 16.82
CA ASN B 137 -7.30 9.76 15.79
C ASN B 137 -5.96 9.62 16.48
N VAL B 138 -5.16 8.66 16.04
CA VAL B 138 -3.94 8.29 16.75
C VAL B 138 -2.81 8.13 15.75
N ALA B 139 -1.61 8.51 16.16
CA ALA B 139 -0.40 8.17 15.40
C ALA B 139 0.04 6.77 15.83
N TRP B 140 -0.03 5.84 14.88
CA TRP B 140 0.37 4.45 15.04
C TRP B 140 1.83 4.32 14.67
N THR B 141 2.68 4.06 15.66
CA THR B 141 4.11 4.06 15.47
C THR B 141 4.72 2.72 15.83
N ASN B 142 6.04 2.60 15.65
CA ASN B 142 6.80 1.41 16.04
C ASN B 142 6.91 1.23 17.54
N ILE B 143 6.67 2.28 18.31
CA ILE B 143 6.56 2.18 19.76
C ILE B 143 5.11 2.10 20.22
N GLY B 144 4.16 2.01 19.29
CA GLY B 144 2.75 1.88 19.64
C GLY B 144 1.99 3.17 19.46
N ALA B 145 0.74 3.17 19.94
CA ALA B 145 -0.13 4.34 19.90
C ALA B 145 0.54 5.55 20.50
N VAL B 146 0.47 6.67 19.79
CA VAL B 146 0.95 7.95 20.29
C VAL B 146 -0.08 9.03 20.03
N ASP B 147 -0.34 9.85 21.04
CA ASP B 147 -1.25 10.97 20.86
C ASP B 147 -0.66 11.93 19.85
N LEU B 148 -1.51 12.53 19.02
CA LEU B 148 -1.04 13.48 17.99
C LEU B 148 -0.40 14.74 18.60
N ALA B 149 -0.86 15.15 19.78
CA ALA B 149 -0.31 16.33 20.48
C ALA B 149 1.07 16.07 21.07
N GLU B 150 1.42 14.79 21.24
CA GLU B 150 2.71 14.42 21.84
C GLU B 150 3.72 13.96 20.81
N LEU B 151 3.30 13.78 19.56
CA LEU B 151 4.11 13.09 18.56
C LEU B 151 5.34 13.87 18.13
N ALA B 152 5.18 15.16 17.83
CA ALA B 152 6.28 15.98 17.29
C ALA B 152 7.47 15.90 18.21
N GLU B 153 7.23 16.07 19.50
CA GLU B 153 8.26 15.94 20.53
C GLU B 153 8.97 14.57 20.51
N LEU B 154 8.21 13.49 20.46
CA LEU B 154 8.83 12.15 20.37
C LEU B 154 9.57 11.92 19.05
N GLN B 155 9.10 12.55 17.97
CA GLN B 155 9.80 12.44 16.68
C GLN B 155 11.21 13.05 16.76
N LEU B 156 11.28 14.23 17.40
CA LEU B 156 12.54 14.96 17.56
C LEU B 156 13.51 14.13 18.37
N GLU B 157 13.04 13.64 19.53
CA GLU B 157 13.94 12.92 20.44
C GLU B 157 14.55 11.68 19.79
N ALA B 158 13.77 10.94 19.03
CA ALA B 158 14.33 9.84 18.24
C ALA B 158 15.42 10.32 17.27
N ARG B 159 15.17 11.40 16.55
CA ARG B 159 16.19 11.92 15.62
C ARG B 159 17.48 12.30 16.33
N LEU B 160 17.37 12.90 17.51
CA LEU B 160 18.56 13.29 18.28
C LEU B 160 19.43 12.11 18.66
N LYS B 161 18.86 10.92 18.79
CA LYS B 161 19.61 9.69 19.08
C LYS B 161 19.95 8.91 17.81
N GLY B 162 19.75 9.50 16.64
CA GLY B 162 20.03 8.82 15.38
C GLY B 162 19.10 7.65 15.06
N LYS B 163 17.92 7.64 15.69
CA LYS B 163 16.93 6.62 15.51
C LYS B 163 15.74 7.22 14.73
N LEU B 164 14.77 6.37 14.40
CA LEU B 164 13.59 6.81 13.70
C LEU B 164 12.34 6.42 14.48
N LEU B 165 11.49 7.40 14.74
CA LEU B 165 10.13 7.10 15.17
C LEU B 165 9.30 6.94 13.90
N GLU B 166 9.11 5.70 13.46
CA GLU B 166 8.31 5.44 12.30
C GLU B 166 6.82 5.63 12.60
N VAL B 167 6.14 6.33 11.73
CA VAL B 167 4.72 6.60 11.85
C VAL B 167 4.03 6.00 10.64
N PHE B 168 3.51 4.78 10.79
CA PHE B 168 3.00 4.02 9.65
C PHE B 168 1.51 4.20 9.34
N SER B 169 0.78 4.84 10.25
CA SER B 169 -0.63 5.15 10.05
C SER B 169 -1.03 6.28 10.99
N VAL B 170 -1.82 7.23 10.50
CA VAL B 170 -2.46 8.19 11.37
C VAL B 170 -3.92 8.05 11.10
N ASP B 171 -4.63 7.42 12.03
CA ASP B 171 -6.04 7.09 11.79
C ASP B 171 -6.78 6.75 13.05
N LYS B 172 -8.08 6.56 12.90
CA LYS B 172 -8.95 6.18 14.00
C LYS B 172 -8.95 4.68 14.22
N PHE B 173 -8.60 3.92 13.18
CA PHE B 173 -8.53 2.46 13.21
C PHE B 173 -7.10 2.04 13.02
N PRO B 174 -6.58 1.17 13.92
CA PRO B 174 -5.26 0.60 13.66
C PRO B 174 -5.38 -0.56 12.69
N LYS B 175 -4.26 -1.12 12.24
CA LYS B 175 -4.31 -2.32 11.43
C LYS B 175 -4.60 -3.56 12.30
N MET B 176 -5.40 -4.47 11.77
CA MET B 176 -5.84 -5.63 12.53
C MET B 176 -4.72 -6.46 13.10
N THR B 177 -3.71 -6.73 12.30
CA THR B 177 -2.72 -7.76 12.65
C THR B 177 -1.85 -7.35 13.82
N ASP B 178 -1.87 -6.07 14.17
CA ASP B 178 -1.23 -5.66 15.40
C ASP B 178 -2.01 -6.08 16.65
N TYR B 179 -3.23 -6.59 16.46
CA TYR B 179 -4.06 -7.13 17.54
C TYR B 179 -4.32 -8.61 17.44
N VAL B 180 -4.69 -9.08 16.25
CA VAL B 180 -5.02 -10.49 16.02
C VAL B 180 -4.63 -10.90 14.62
N VAL B 181 -4.14 -12.11 14.51
CA VAL B 181 -4.05 -12.81 13.23
C VAL B 181 -4.85 -14.08 13.39
N PRO B 182 -6.07 -14.09 12.86
CA PRO B 182 -6.86 -15.28 13.05
C PRO B 182 -6.32 -16.42 12.18
N ALA B 183 -6.68 -17.66 12.54
CA ALA B 183 -6.10 -18.85 11.95
C ALA B 183 -6.48 -18.98 10.48
N GLY B 184 -5.56 -19.49 9.66
CA GLY B 184 -5.90 -19.92 8.29
C GLY B 184 -6.02 -18.80 7.29
N VAL B 185 -5.24 -17.76 7.47
CA VAL B 185 -5.40 -16.53 6.71
C VAL B 185 -4.04 -16.05 6.22
N ARG B 186 -4.05 -15.45 5.02
CA ARG B 186 -2.89 -14.71 4.54
C ARG B 186 -3.26 -13.28 4.22
N ILE B 187 -2.45 -12.33 4.67
CA ILE B 187 -2.61 -10.92 4.35
C ILE B 187 -1.26 -10.34 3.93
N ALA B 188 -1.10 -10.10 2.62
CA ALA B 188 0.19 -9.71 2.07
C ALA B 188 0.73 -8.41 2.67
N ASP B 189 -0.05 -7.34 2.57
CA ASP B 189 0.32 -6.06 3.19
C ASP B 189 -0.69 -5.79 4.29
N THR B 190 -0.27 -5.91 5.55
CA THR B 190 -1.23 -5.82 6.64
C THR B 190 -1.69 -4.38 6.93
N ALA B 191 -1.03 -3.39 6.34
CA ALA B 191 -1.50 -2.01 6.50
C ALA B 191 -2.92 -1.89 5.94
N ARG B 192 -3.27 -2.79 5.03
CA ARG B 192 -4.55 -2.71 4.30
C ARG B 192 -5.77 -3.47 4.86
N VAL B 193 -5.67 -3.99 6.08
CA VAL B 193 -6.80 -4.62 6.75
C VAL B 193 -6.95 -3.98 8.14
N ARG B 194 -8.06 -3.29 8.35
CA ARG B 194 -8.32 -2.59 9.60
C ARG B 194 -8.83 -3.51 10.70
N LEU B 195 -8.51 -3.19 11.95
CA LEU B 195 -9.13 -3.83 13.09
C LEU B 195 -10.63 -3.69 12.92
N GLY B 196 -11.34 -4.77 13.17
CA GLY B 196 -12.75 -4.82 12.83
C GLY B 196 -13.02 -5.56 11.53
N ALA B 197 -11.98 -5.90 10.76
CA ALA B 197 -12.20 -6.73 9.58
C ALA B 197 -12.42 -8.17 10.03
N TYR B 198 -13.29 -8.87 9.31
CA TYR B 198 -13.51 -10.29 9.50
C TYR B 198 -12.86 -10.99 8.31
N ILE B 199 -11.77 -11.69 8.54
CA ILE B 199 -11.10 -12.37 7.46
C ILE B 199 -11.26 -13.84 7.67
N GLY B 200 -12.11 -14.44 6.84
CA GLY B 200 -12.46 -15.84 6.95
C GLY B 200 -11.34 -16.81 6.66
N GLU B 201 -11.38 -17.94 7.35
CA GLU B 201 -10.45 -19.04 7.17
C GLU B 201 -10.35 -19.42 5.70
N GLY B 202 -9.11 -19.55 5.21
CA GLY B 202 -8.87 -19.83 3.80
C GLY B 202 -8.85 -18.59 2.92
N THR B 203 -8.94 -17.40 3.50
CA THR B 203 -8.90 -16.17 2.70
C THR B 203 -7.46 -15.73 2.55
N THR B 204 -7.08 -15.31 1.35
CA THR B 204 -5.82 -14.61 1.19
C THR B 204 -6.09 -13.21 0.66
N VAL B 205 -5.60 -12.20 1.39
CA VAL B 205 -5.75 -10.80 1.00
C VAL B 205 -4.43 -10.37 0.39
N MET B 206 -4.39 -10.26 -0.93
CA MET B 206 -3.14 -9.87 -1.60
C MET B 206 -2.81 -8.41 -1.30
N HIS B 207 -1.72 -7.94 -1.90
CA HIS B 207 -1.19 -6.61 -1.61
C HIS B 207 -2.19 -5.51 -1.99
N GLU B 208 -2.89 -5.66 -3.12
CA GLU B 208 -3.83 -4.65 -3.59
C GLU B 208 -5.20 -4.81 -2.90
N GLY B 209 -5.38 -5.90 -2.15
CA GLY B 209 -6.61 -6.14 -1.44
C GLY B 209 -6.72 -5.16 -0.29
N PHE B 210 -7.95 -4.81 0.07
CA PHE B 210 -8.20 -3.96 1.22
C PHE B 210 -9.49 -4.41 1.87
N VAL B 211 -9.52 -4.48 3.20
CA VAL B 211 -10.75 -4.79 3.90
C VAL B 211 -10.99 -3.82 5.05
N ASN B 212 -12.14 -3.13 5.00
CA ASN B 212 -12.52 -2.18 6.03
C ASN B 212 -13.04 -2.90 7.28
N PHE B 213 -13.31 -2.15 8.35
CA PHE B 213 -13.98 -2.70 9.54
C PHE B 213 -15.41 -3.08 9.19
N ASN B 214 -15.96 -4.02 9.95
CA ASN B 214 -17.33 -4.49 9.73
C ASN B 214 -17.53 -5.02 8.32
N ALA B 215 -16.52 -5.67 7.79
CA ALA B 215 -16.52 -6.12 6.41
C ALA B 215 -15.64 -7.34 6.34
N GLY B 216 -15.78 -8.13 5.29
CA GLY B 216 -14.80 -9.16 5.03
C GLY B 216 -15.31 -10.37 4.33
N THR B 217 -14.72 -11.50 4.66
CA THR B 217 -14.89 -12.72 3.88
C THR B 217 -15.29 -13.91 4.75
N GLU B 218 -16.25 -14.66 4.23
CA GLU B 218 -16.65 -15.93 4.80
C GLU B 218 -15.46 -16.87 4.81
N GLY B 219 -14.70 -16.86 3.73
CA GLY B 219 -13.60 -17.79 3.53
C GLY B 219 -14.16 -19.09 2.97
N PRO B 220 -13.40 -19.75 2.10
CA PRO B 220 -12.12 -19.28 1.53
C PRO B 220 -12.33 -18.23 0.45
N GLY B 221 -11.24 -17.66 -0.06
CA GLY B 221 -11.29 -16.71 -1.17
C GLY B 221 -10.03 -15.90 -1.41
N MET B 222 -9.99 -15.22 -2.55
CA MET B 222 -8.86 -14.42 -2.96
C MET B 222 -9.32 -12.97 -3.07
N ILE B 223 -8.80 -12.10 -2.19
CA ILE B 223 -9.18 -10.69 -2.13
C ILE B 223 -8.00 -9.84 -2.58
N GLU B 224 -8.15 -9.21 -3.74
CA GLU B 224 -7.12 -8.34 -4.30
C GLU B 224 -7.70 -6.98 -4.63
N GLY B 225 -8.93 -6.72 -4.16
CA GLY B 225 -9.60 -5.46 -4.36
C GLY B 225 -10.15 -4.96 -3.04
N ARG B 226 -11.00 -3.95 -3.12
CA ARG B 226 -11.36 -3.18 -1.94
C ARG B 226 -12.71 -3.62 -1.42
N VAL B 227 -12.74 -4.08 -0.18
CA VAL B 227 -13.96 -4.46 0.50
C VAL B 227 -14.31 -3.38 1.48
N SER B 228 -15.31 -2.56 1.13
CA SER B 228 -15.69 -1.41 1.92
C SER B 228 -16.38 -1.84 3.19
N ALA B 229 -16.65 -0.87 4.05
CA ALA B 229 -17.28 -1.12 5.33
C ALA B 229 -18.67 -1.65 5.09
N GLY B 230 -19.04 -2.67 5.84
CA GLY B 230 -20.35 -3.28 5.72
C GLY B 230 -20.49 -4.22 4.53
N VAL B 231 -19.42 -4.52 3.81
CA VAL B 231 -19.49 -5.43 2.68
C VAL B 231 -18.93 -6.78 3.09
N PHE B 232 -19.74 -7.81 2.93
CA PHE B 232 -19.36 -9.19 3.24
C PHE B 232 -19.33 -9.99 1.96
N VAL B 233 -18.30 -10.81 1.80
CA VAL B 233 -18.09 -11.61 0.62
C VAL B 233 -18.23 -13.10 0.95
N GLY B 234 -19.14 -13.76 0.23
CA GLY B 234 -19.37 -15.17 0.39
C GLY B 234 -18.23 -16.12 0.02
N LYS B 235 -18.39 -17.34 0.48
CA LYS B 235 -17.55 -18.52 0.26
C LYS B 235 -17.04 -18.68 -1.17
N GLY B 236 -15.72 -18.81 -1.33
CA GLY B 236 -15.13 -19.11 -2.63
C GLY B 236 -15.21 -18.02 -3.69
N SER B 237 -15.41 -16.77 -3.28
CA SER B 237 -15.49 -15.66 -4.20
C SER B 237 -14.14 -14.98 -4.37
N ASP B 238 -13.82 -14.59 -5.58
CA ASP B 238 -12.54 -14.02 -5.91
C ASP B 238 -12.74 -12.56 -6.30
N LEU B 239 -12.05 -11.66 -5.62
CA LEU B 239 -12.00 -10.23 -6.01
C LEU B 239 -10.66 -9.91 -6.67
N GLY B 240 -10.70 -9.67 -7.97
CA GLY B 240 -9.50 -9.40 -8.76
C GLY B 240 -8.81 -8.09 -8.45
N GLY B 241 -7.58 -7.98 -8.92
CA GLY B 241 -6.68 -6.89 -8.54
C GLY B 241 -7.32 -5.55 -8.81
N GLY B 242 -7.42 -4.73 -7.77
CA GLY B 242 -7.87 -3.36 -7.92
C GLY B 242 -9.36 -3.17 -8.19
N CYS B 243 -10.15 -4.23 -8.04
CA CYS B 243 -11.59 -4.10 -8.19
C CYS B 243 -12.12 -3.29 -7.01
N SER B 244 -13.32 -2.73 -7.15
CA SER B 244 -13.91 -1.84 -6.15
C SER B 244 -15.27 -2.33 -5.72
N THR B 245 -15.58 -2.10 -4.45
CA THR B 245 -16.82 -2.50 -3.88
C THR B 245 -17.34 -1.22 -3.25
N MET B 246 -18.49 -0.76 -3.74
CA MET B 246 -18.99 0.58 -3.44
C MET B 246 -19.30 0.67 -1.94
N GLY B 247 -19.00 1.83 -1.37
CA GLY B 247 -19.29 2.12 0.03
C GLY B 247 -20.69 2.71 0.24
N THR B 248 -21.06 2.82 1.52
CA THR B 248 -22.44 3.07 1.95
C THR B 248 -22.60 4.51 2.43
N ASN B 254 -30.78 2.87 0.76
CA ASN B 254 -29.72 2.19 1.51
C ASN B 254 -29.68 0.68 1.24
N ILE B 255 -29.15 0.34 0.07
CA ILE B 255 -28.85 -1.05 -0.27
C ILE B 255 -27.45 -1.38 0.24
N VAL B 256 -27.36 -2.40 1.09
CA VAL B 256 -26.08 -2.87 1.59
C VAL B 256 -25.47 -3.75 0.50
N ILE B 257 -24.23 -3.44 0.10
CA ILE B 257 -23.55 -4.22 -0.92
C ILE B 257 -23.02 -5.49 -0.29
N SER B 258 -23.18 -6.60 -0.99
CA SER B 258 -22.58 -7.86 -0.60
C SER B 258 -22.21 -8.64 -1.85
N VAL B 259 -21.34 -9.63 -1.68
CA VAL B 259 -20.95 -10.49 -2.79
C VAL B 259 -21.33 -11.89 -2.35
N GLY B 260 -21.98 -12.63 -3.25
CA GLY B 260 -22.45 -13.96 -2.93
C GLY B 260 -21.34 -14.97 -3.01
N GLU B 261 -21.71 -16.26 -3.05
CA GLU B 261 -20.75 -17.36 -3.07
C GLU B 261 -20.31 -17.62 -4.49
N GLY B 262 -19.04 -17.96 -4.66
CA GLY B 262 -18.51 -18.41 -5.96
C GLY B 262 -18.46 -17.36 -7.04
N CYS B 263 -18.39 -16.08 -6.66
CA CYS B 263 -18.36 -15.00 -7.64
C CYS B 263 -16.94 -14.68 -8.08
N LEU B 264 -16.86 -14.01 -9.21
CA LEU B 264 -15.60 -13.55 -9.75
C LEU B 264 -15.81 -12.07 -10.11
N ILE B 265 -15.19 -11.16 -9.39
CA ILE B 265 -15.20 -9.75 -9.78
C ILE B 265 -13.85 -9.52 -10.42
N GLY B 266 -13.85 -9.16 -11.71
CA GLY B 266 -12.62 -9.02 -12.46
C GLY B 266 -11.70 -7.91 -12.01
N ALA B 267 -10.47 -7.93 -12.51
CA ALA B 267 -9.48 -6.91 -12.20
C ALA B 267 -9.98 -5.56 -12.69
N ASN B 268 -9.79 -4.56 -11.85
CA ASN B 268 -10.18 -3.17 -12.11
C ASN B 268 -11.66 -2.92 -12.30
N ALA B 269 -12.49 -3.91 -11.97
CA ALA B 269 -13.91 -3.74 -12.10
C ALA B 269 -14.51 -3.19 -10.81
N GLY B 270 -15.83 -3.07 -10.78
CA GLY B 270 -16.52 -2.53 -9.62
C GLY B 270 -17.99 -2.88 -9.56
N ILE B 271 -18.52 -2.94 -8.35
CA ILE B 271 -19.94 -3.19 -8.16
C ILE B 271 -20.53 -2.14 -7.22
N GLY B 272 -21.64 -1.56 -7.64
CA GLY B 272 -22.45 -0.69 -6.80
C GLY B 272 -23.77 -1.36 -6.40
N ILE B 273 -23.84 -2.67 -6.61
CA ILE B 273 -25.02 -3.46 -6.27
C ILE B 273 -24.57 -4.73 -5.55
N PRO B 274 -25.46 -5.34 -4.75
CA PRO B 274 -25.17 -6.68 -4.27
C PRO B 274 -25.11 -7.67 -5.42
N LEU B 275 -24.13 -8.57 -5.38
CA LEU B 275 -24.00 -9.60 -6.39
C LEU B 275 -24.48 -10.90 -5.81
N GLY B 276 -25.42 -11.53 -6.51
CA GLY B 276 -25.87 -12.86 -6.14
C GLY B 276 -24.79 -13.89 -6.41
N ASP B 277 -25.12 -15.15 -6.14
CA ASP B 277 -24.17 -16.24 -6.20
C ASP B 277 -23.69 -16.48 -7.63
N ARG B 278 -22.44 -16.89 -7.75
CA ARG B 278 -21.87 -17.25 -9.04
C ARG B 278 -22.05 -16.17 -10.10
N ASN B 279 -21.96 -14.90 -9.67
CA ASN B 279 -21.92 -13.78 -10.62
C ASN B 279 -20.50 -13.54 -11.08
N ILE B 280 -20.37 -13.07 -12.31
CA ILE B 280 -19.08 -12.73 -12.87
C ILE B 280 -19.20 -11.29 -13.38
N VAL B 281 -18.20 -10.47 -13.07
CA VAL B 281 -18.14 -9.09 -13.57
C VAL B 281 -16.85 -8.94 -14.35
N GLU B 282 -16.97 -8.67 -15.66
CA GLU B 282 -15.82 -8.50 -16.54
C GLU B 282 -14.78 -7.56 -15.97
N ALA B 283 -13.51 -7.89 -16.19
CA ALA B 283 -12.41 -7.03 -15.85
C ALA B 283 -12.61 -5.61 -16.44
N GLY B 284 -12.44 -4.59 -15.61
CA GLY B 284 -12.52 -3.19 -16.05
C GLY B 284 -13.90 -2.59 -16.09
N LEU B 285 -14.95 -3.38 -15.83
CA LEU B 285 -16.32 -2.86 -15.87
C LEU B 285 -16.73 -2.41 -14.49
N TYR B 286 -17.23 -1.18 -14.38
CA TYR B 286 -17.86 -0.75 -13.14
C TYR B 286 -19.37 -0.74 -13.37
N ILE B 287 -20.08 -1.45 -12.50
CA ILE B 287 -21.52 -1.64 -12.57
C ILE B 287 -22.10 -0.85 -11.42
N THR B 288 -22.62 0.34 -11.70
CA THR B 288 -23.30 1.15 -10.70
C THR B 288 -24.76 0.75 -10.72
N ALA B 289 -25.50 1.14 -9.68
CA ALA B 289 -26.90 0.76 -9.51
C ALA B 289 -27.85 1.29 -10.60
N GLY B 290 -27.56 2.50 -11.09
CA GLY B 290 -28.34 3.14 -12.16
C GLY B 290 -27.89 2.74 -13.56
N THR B 291 -26.84 1.92 -13.65
CA THR B 291 -26.31 1.48 -14.94
C THR B 291 -27.36 0.66 -15.66
N LYS B 292 -27.62 1.02 -16.91
CA LYS B 292 -28.64 0.34 -17.70
C LYS B 292 -28.02 -0.76 -18.53
N VAL B 293 -28.53 -1.96 -18.30
CA VAL B 293 -27.93 -3.19 -18.72
C VAL B 293 -28.84 -3.87 -19.72
N ALA B 294 -28.27 -4.40 -20.80
CA ALA B 294 -29.03 -5.20 -21.74
C ALA B 294 -29.07 -6.64 -21.23
N LEU B 295 -30.23 -7.08 -20.75
CA LEU B 295 -30.36 -8.41 -20.17
C LEU B 295 -30.64 -9.42 -21.28
N LEU B 296 -29.71 -10.35 -21.49
CA LEU B 296 -29.79 -11.28 -22.60
C LEU B 296 -30.12 -12.69 -22.12
N ASP B 297 -30.91 -13.42 -22.92
CA ASP B 297 -31.29 -14.80 -22.57
C ASP B 297 -30.19 -15.76 -22.98
N GLU B 298 -30.40 -17.05 -22.72
CA GLU B 298 -29.40 -18.07 -23.03
C GLU B 298 -29.06 -18.14 -24.53
N GLN B 299 -29.92 -17.58 -25.38
CA GLN B 299 -29.62 -17.44 -26.83
C GLN B 299 -28.99 -16.10 -27.21
N ASN B 300 -28.64 -15.30 -26.20
CA ASN B 300 -28.10 -13.94 -26.40
C ASN B 300 -29.04 -12.97 -27.13
N ALA B 301 -30.35 -13.20 -27.02
CA ALA B 301 -31.31 -12.23 -27.52
C ALA B 301 -31.66 -11.25 -26.40
N LEU B 302 -31.85 -9.99 -26.76
CA LEU B 302 -32.30 -9.00 -25.79
C LEU B 302 -33.62 -9.49 -25.21
N VAL B 303 -33.66 -9.60 -23.89
CA VAL B 303 -34.90 -9.83 -23.16
C VAL B 303 -35.49 -8.49 -22.77
N LYS B 304 -34.67 -7.62 -22.19
CA LYS B 304 -35.12 -6.34 -21.69
C LYS B 304 -33.93 -5.52 -21.24
N VAL B 305 -34.07 -4.19 -21.32
CA VAL B 305 -33.08 -3.27 -20.75
C VAL B 305 -33.52 -2.94 -19.33
N VAL B 306 -32.64 -3.19 -18.36
CA VAL B 306 -32.96 -2.98 -16.95
C VAL B 306 -31.88 -2.17 -16.26
N LYS B 307 -32.23 -1.59 -15.11
CA LYS B 307 -31.23 -1.01 -14.23
C LYS B 307 -30.56 -2.15 -13.46
N ALA B 308 -29.25 -2.02 -13.23
CA ALA B 308 -28.47 -3.09 -12.58
C ALA B 308 -28.99 -3.40 -11.17
N ARG B 309 -29.44 -2.37 -10.48
CA ARG B 309 -30.16 -2.47 -9.22
C ARG B 309 -31.24 -3.59 -9.20
N ASP B 310 -31.96 -3.74 -10.31
CA ASP B 310 -33.07 -4.71 -10.39
C ASP B 310 -32.61 -6.12 -10.74
N LEU B 311 -31.34 -6.26 -11.10
CA LEU B 311 -30.71 -7.56 -11.29
C LEU B 311 -29.92 -7.99 -10.06
N ALA B 312 -29.82 -7.09 -9.08
CA ALA B 312 -29.07 -7.34 -7.85
C ALA B 312 -29.57 -8.58 -7.10
N GLY B 313 -28.64 -9.41 -6.67
CA GLY B 313 -29.00 -10.60 -5.92
C GLY B 313 -29.34 -11.81 -6.77
N GLN B 314 -29.42 -11.69 -8.09
CA GLN B 314 -29.69 -12.85 -8.94
C GLN B 314 -28.44 -13.69 -9.14
N PRO B 315 -28.59 -15.02 -9.15
CA PRO B 315 -27.46 -15.88 -9.38
C PRO B 315 -27.14 -16.05 -10.86
N ASP B 316 -25.92 -16.50 -11.15
CA ASP B 316 -25.49 -16.91 -12.48
C ASP B 316 -25.59 -15.81 -13.56
N LEU B 317 -25.18 -14.60 -13.19
CA LEU B 317 -25.12 -13.50 -14.13
C LEU B 317 -23.68 -13.24 -14.50
N LEU B 318 -23.44 -13.00 -15.79
CA LEU B 318 -22.15 -12.53 -16.25
C LEU B 318 -22.36 -11.10 -16.73
N PHE B 319 -21.67 -10.16 -16.10
CA PHE B 319 -21.72 -8.78 -16.53
C PHE B 319 -20.49 -8.46 -17.39
N ARG B 320 -20.74 -7.76 -18.49
CA ARG B 320 -19.72 -7.47 -19.47
C ARG B 320 -20.11 -6.18 -20.20
N ARG B 321 -19.12 -5.46 -20.71
CA ARG B 321 -19.39 -4.40 -21.66
C ARG B 321 -19.01 -4.82 -23.08
N ASN B 322 -20.01 -4.86 -23.97
CA ASN B 322 -19.82 -5.23 -25.37
C ASN B 322 -18.71 -4.38 -26.00
N SER B 323 -17.63 -5.04 -26.38
CA SER B 323 -16.45 -4.35 -26.90
C SER B 323 -16.64 -3.72 -28.29
N GLN B 324 -17.78 -4.00 -28.93
CA GLN B 324 -18.05 -3.47 -30.27
C GLN B 324 -19.09 -2.36 -30.29
N ASN B 325 -20.10 -2.42 -29.44
CA ASN B 325 -21.14 -1.38 -29.42
C ASN B 325 -21.31 -0.66 -28.08
N GLY B 326 -20.45 -0.93 -27.11
CA GLY B 326 -20.45 -0.20 -25.86
C GLY B 326 -21.56 -0.51 -24.86
N ALA B 327 -22.50 -1.39 -25.21
CA ALA B 327 -23.60 -1.71 -24.32
C ALA B 327 -23.16 -2.61 -23.16
N VAL B 328 -23.47 -2.20 -21.94
CA VAL B 328 -23.31 -3.08 -20.79
C VAL B 328 -24.37 -4.18 -20.92
N GLU B 329 -23.91 -5.44 -20.93
CA GLU B 329 -24.77 -6.59 -21.12
C GLU B 329 -24.69 -7.50 -19.90
N CYS B 330 -25.77 -8.23 -19.65
CA CYS B 330 -25.77 -9.29 -18.65
C CYS B 330 -26.19 -10.61 -19.29
N LYS B 331 -25.26 -11.55 -19.39
CA LYS B 331 -25.50 -12.86 -19.99
C LYS B 331 -25.92 -13.88 -18.94
N THR B 332 -26.81 -14.77 -19.37
CA THR B 332 -27.45 -15.70 -18.47
C THR B 332 -27.57 -17.04 -19.17
N ASN B 333 -27.87 -18.08 -18.40
CA ASN B 333 -28.27 -19.38 -18.96
C ASN B 333 -29.72 -19.69 -18.63
N LYS B 334 -30.57 -18.67 -18.81
CA LYS B 334 -31.99 -18.74 -18.53
C LYS B 334 -32.80 -18.18 -19.70
N THR B 335 -34.06 -18.61 -19.79
CA THR B 335 -34.95 -18.16 -20.86
C THR B 335 -35.58 -16.82 -20.49
N ALA B 336 -36.09 -16.13 -21.52
CA ALA B 336 -36.77 -14.85 -21.33
C ALA B 336 -37.88 -14.97 -20.29
N ILE B 337 -38.62 -16.08 -20.35
CA ILE B 337 -39.73 -16.34 -19.40
C ILE B 337 -39.23 -16.54 -17.95
N GLU B 338 -38.16 -17.30 -17.74
CA GLU B 338 -37.56 -17.44 -16.40
C GLU B 338 -37.07 -16.11 -15.83
N LEU B 339 -36.40 -15.30 -16.66
CA LEU B 339 -35.88 -13.99 -16.25
C LEU B 339 -36.96 -13.00 -15.84
N ASN B 340 -38.01 -12.89 -16.65
CA ASN B 340 -39.10 -11.97 -16.34
C ASN B 340 -39.78 -12.31 -15.01
N GLU B 341 -39.82 -13.59 -14.68
CA GLU B 341 -40.37 -14.06 -13.42
C GLU B 341 -39.49 -13.58 -12.25
N ALA B 342 -38.17 -13.69 -12.41
CA ALA B 342 -37.23 -13.24 -11.37
C ALA B 342 -37.33 -11.73 -11.10
N LEU B 343 -37.39 -10.91 -12.15
CA LEU B 343 -37.61 -9.46 -11.99
C LEU B 343 -38.96 -9.10 -11.31
N HIS B 344 -39.93 -10.02 -11.40
CA HIS B 344 -41.25 -9.86 -10.77
C HIS B 344 -41.46 -10.91 -9.65
N ALA B 345 -40.55 -10.95 -8.67
CA ALA B 345 -40.68 -11.84 -7.49
C ALA B 345 -39.77 -11.37 -6.34
N GLN C 6 29.88 -32.85 -10.37
CA GLN C 6 29.85 -32.00 -11.62
C GLN C 6 29.89 -30.49 -11.27
N SER C 7 29.63 -29.65 -12.28
CA SER C 7 29.36 -28.23 -12.09
C SER C 7 28.00 -28.09 -11.41
N LEU C 8 27.98 -27.48 -10.23
CA LEU C 8 26.71 -27.19 -9.55
C LEU C 8 25.96 -26.07 -10.25
N PHE C 9 24.62 -26.13 -10.17
CA PHE C 9 23.76 -25.05 -10.67
C PHE C 9 23.92 -23.82 -9.79
N SER C 10 23.90 -24.04 -8.47
CA SER C 10 24.03 -22.94 -7.53
C SER C 10 24.37 -23.41 -6.13
N LEU C 11 24.98 -22.54 -5.35
CA LEU C 11 25.13 -22.78 -3.94
C LEU C 11 25.12 -21.47 -3.20
N ALA C 12 24.64 -21.49 -1.97
CA ALA C 12 24.69 -20.32 -1.13
C ALA C 12 24.74 -20.75 0.32
N PHE C 13 25.36 -19.92 1.13
CA PHE C 13 25.41 -20.12 2.56
C PHE C 13 24.41 -19.16 3.19
N GLY C 14 23.41 -19.72 3.84
CA GLY C 14 22.32 -18.95 4.43
C GLY C 14 22.32 -18.93 5.94
N VAL C 15 21.77 -17.86 6.49
CA VAL C 15 21.35 -17.82 7.90
C VAL C 15 19.82 -17.64 7.92
N GLY C 16 19.14 -18.45 8.72
CA GLY C 16 17.68 -18.49 8.69
C GLY C 16 17.03 -18.46 10.06
N THR C 17 15.74 -18.77 10.09
CA THR C 17 15.04 -18.89 11.35
C THR C 17 14.22 -20.17 11.39
N GLN C 18 14.13 -20.77 12.57
CA GLN C 18 13.29 -21.95 12.74
C GLN C 18 12.30 -21.70 13.87
N ASN C 19 11.16 -22.37 13.78
CA ASN C 19 10.15 -22.35 14.84
C ASN C 19 10.46 -23.40 15.90
N ARG C 20 9.60 -23.47 16.92
CA ARG C 20 9.77 -24.39 18.05
C ARG C 20 9.92 -25.86 17.65
N GLN C 21 9.26 -26.26 16.56
CA GLN C 21 9.39 -27.60 16.01
C GLN C 21 10.48 -27.71 14.96
N GLU C 22 11.45 -26.80 15.00
CA GLU C 22 12.63 -26.86 14.15
C GLU C 22 12.35 -26.78 12.64
N ALA C 23 11.12 -26.41 12.27
CA ALA C 23 10.79 -26.19 10.87
C ALA C 23 11.44 -24.89 10.39
N TRP C 24 11.89 -24.87 9.15
CA TRP C 24 12.51 -23.69 8.59
C TRP C 24 11.42 -22.73 8.08
N LEU C 25 11.39 -21.53 8.66
CA LEU C 25 10.45 -20.51 8.25
C LEU C 25 11.01 -19.69 7.12
N GLU C 26 12.33 -19.55 7.08
CA GLU C 26 12.93 -18.52 6.28
C GLU C 26 14.43 -18.70 6.21
N VAL C 27 15.03 -18.37 5.07
CA VAL C 27 16.49 -18.33 4.98
C VAL C 27 16.97 -17.07 4.25
N PHE C 28 17.95 -16.39 4.83
CA PHE C 28 18.59 -15.23 4.19
C PHE C 28 19.96 -15.63 3.64
N TYR C 29 20.16 -15.43 2.34
CA TYR C 29 21.45 -15.63 1.67
C TYR C 29 22.08 -14.32 1.21
N ALA C 30 23.18 -13.93 1.83
CA ALA C 30 23.87 -12.67 1.52
C ALA C 30 24.55 -12.67 0.16
N LEU C 31 25.10 -13.81 -0.26
CA LEU C 31 25.96 -13.88 -1.43
C LEU C 31 25.73 -15.15 -2.24
N PRO C 32 24.51 -15.32 -2.75
CA PRO C 32 24.21 -16.53 -3.49
C PRO C 32 25.04 -16.60 -4.74
N LEU C 33 25.41 -17.83 -5.14
CA LEU C 33 26.20 -18.01 -6.37
C LEU C 33 25.44 -18.82 -7.41
N LEU C 34 25.45 -18.34 -8.65
CA LEU C 34 25.03 -19.14 -9.80
C LEU C 34 26.28 -19.79 -10.41
N LYS C 35 26.19 -21.09 -10.71
CA LYS C 35 27.31 -21.88 -11.27
C LYS C 35 28.62 -21.58 -10.55
N PRO C 36 28.70 -21.95 -9.26
CA PRO C 36 29.92 -21.71 -8.51
C PRO C 36 31.07 -22.52 -9.07
N SER C 37 32.28 -22.02 -8.89
CA SER C 37 33.48 -22.71 -9.41
C SER C 37 33.70 -24.01 -8.66
N SER C 38 34.14 -25.03 -9.40
CA SER C 38 34.45 -26.36 -8.83
C SER C 38 35.47 -26.29 -7.68
N GLU C 39 36.35 -25.30 -7.73
CA GLU C 39 37.30 -25.09 -6.64
C GLU C 39 36.56 -24.81 -5.34
N ILE C 40 35.47 -24.03 -5.42
CA ILE C 40 34.71 -23.66 -4.20
C ILE C 40 33.98 -24.87 -3.67
N VAL C 41 33.37 -25.61 -4.60
CA VAL C 41 32.56 -26.78 -4.28
C VAL C 41 33.41 -27.88 -3.64
N ALA C 42 34.57 -28.15 -4.26
CA ALA C 42 35.56 -29.09 -3.74
C ALA C 42 35.96 -28.79 -2.30
N ALA C 43 36.41 -27.55 -2.07
CA ALA C 43 36.86 -27.13 -0.73
C ALA C 43 35.77 -27.32 0.32
N VAL C 44 34.52 -27.03 -0.08
CA VAL C 44 33.37 -26.99 0.83
C VAL C 44 32.63 -28.33 0.98
N ALA C 45 32.55 -29.11 -0.10
CA ALA C 45 31.75 -30.34 -0.09
C ALA C 45 32.00 -31.32 1.05
N PRO C 46 33.29 -31.61 1.35
CA PRO C 46 33.64 -32.57 2.42
C PRO C 46 33.18 -32.14 3.82
N ILE C 47 33.40 -30.86 4.11
CA ILE C 47 33.09 -30.30 5.43
C ILE C 47 31.59 -30.31 5.73
N LEU C 48 30.78 -30.02 4.71
CA LEU C 48 29.31 -29.98 4.86
C LEU C 48 28.69 -31.40 4.84
N GLY C 49 29.40 -32.35 4.23
CA GLY C 49 28.89 -33.69 4.02
C GLY C 49 28.10 -33.79 2.73
N TYR C 50 28.51 -32.99 1.75
CA TYR C 50 27.78 -32.99 0.47
C TYR C 50 28.32 -34.04 -0.48
N ALA C 51 27.43 -35.01 -0.81
CA ALA C 51 27.71 -36.08 -1.76
C ALA C 51 27.28 -35.69 -3.16
N ALA C 52 25.97 -35.52 -3.36
CA ALA C 52 25.45 -35.16 -4.69
C ALA C 52 24.01 -34.62 -4.64
N GLY C 53 23.49 -34.21 -5.80
CA GLY C 53 22.09 -33.76 -5.92
C GLY C 53 21.76 -32.48 -5.13
N ASN C 54 20.48 -32.27 -4.85
CA ASN C 54 19.98 -30.98 -4.35
C ASN C 54 19.67 -31.03 -2.88
N GLN C 55 20.55 -30.40 -2.10
CA GLN C 55 20.64 -30.66 -0.68
C GLN C 55 20.58 -29.36 0.10
N ALA C 56 19.84 -29.36 1.20
CA ALA C 56 19.91 -28.28 2.16
C ALA C 56 20.53 -28.86 3.40
N LEU C 57 21.79 -28.50 3.63
CA LEU C 57 22.58 -29.08 4.68
C LEU C 57 22.84 -28.09 5.76
N THR C 58 22.36 -28.39 6.96
CA THR C 58 22.58 -27.54 8.12
C THR C 58 24.06 -27.61 8.48
N PHE C 59 24.58 -26.58 9.11
CA PHE C 59 25.93 -26.65 9.58
C PHE C 59 26.12 -25.76 10.78
N THR C 60 27.28 -25.89 11.40
CA THR C 60 27.50 -25.43 12.76
C THR C 60 28.34 -24.19 12.72
N SER C 61 28.31 -23.43 13.81
CA SER C 61 29.22 -22.31 13.98
C SER C 61 30.66 -22.76 13.72
N GLN C 62 31.06 -23.90 14.33
CA GLN C 62 32.42 -24.46 14.17
C GLN C 62 32.70 -24.77 12.69
N GLN C 63 31.79 -25.49 12.04
CA GLN C 63 31.94 -25.77 10.61
C GLN C 63 32.05 -24.46 9.79
N ALA C 64 31.45 -23.39 10.32
CA ALA C 64 31.51 -22.08 9.66
C ALA C 64 32.95 -21.60 9.60
N TYR C 65 33.67 -21.76 10.71
CA TYR C 65 35.07 -21.33 10.78
C TYR C 65 35.93 -22.17 9.84
N GLN C 66 35.70 -23.49 9.80
CA GLN C 66 36.43 -24.39 8.89
C GLN C 66 36.25 -23.94 7.45
N LEU C 67 34.98 -23.78 7.06
CA LEU C 67 34.64 -23.36 5.70
C LEU C 67 35.25 -21.99 5.38
N ALA C 68 35.27 -21.09 6.37
CA ALA C 68 35.91 -19.78 6.20
C ALA C 68 37.40 -19.95 5.83
N ASP C 69 38.07 -20.84 6.57
CA ASP C 69 39.48 -21.14 6.35
C ASP C 69 39.71 -21.82 5.01
N ALA C 70 38.99 -22.92 4.76
CA ALA C 70 39.07 -23.63 3.47
C ALA C 70 39.01 -22.67 2.26
N LEU C 71 38.11 -21.68 2.31
CA LEU C 71 37.89 -20.78 1.17
C LEU C 71 38.76 -19.51 1.20
N LYS C 72 39.44 -19.27 2.31
CA LYS C 72 40.49 -18.24 2.35
C LYS C 72 41.42 -18.52 1.15
N GLY C 73 41.65 -17.50 0.34
CA GLY C 73 42.53 -17.66 -0.81
C GLY C 73 41.93 -18.31 -2.05
N ILE C 74 40.74 -18.92 -1.94
CA ILE C 74 40.01 -19.39 -3.13
C ILE C 74 38.98 -18.37 -3.60
N ASP C 75 38.17 -17.89 -2.65
CA ASP C 75 37.21 -16.82 -2.90
C ASP C 75 37.08 -15.98 -1.64
N ALA C 76 37.75 -14.83 -1.64
CA ALA C 76 37.80 -13.95 -0.47
C ALA C 76 36.38 -13.62 0.03
N ALA C 77 35.49 -13.29 -0.91
CA ALA C 77 34.12 -12.82 -0.61
C ALA C 77 33.33 -13.82 0.23
N GLN C 78 33.27 -15.06 -0.21
CA GLN C 78 32.58 -16.13 0.51
C GLN C 78 33.22 -16.44 1.87
N SER C 79 34.56 -16.40 1.93
CA SER C 79 35.29 -16.64 3.18
C SER C 79 34.93 -15.63 4.25
N ALA C 80 34.94 -14.35 3.88
CA ALA C 80 34.56 -13.28 4.82
C ALA C 80 33.10 -13.40 5.27
N LEU C 81 32.24 -13.98 4.43
CA LEU C 81 30.83 -14.15 4.76
C LEU C 81 30.72 -15.21 5.86
N LEU C 82 31.28 -16.38 5.58
CA LEU C 82 31.31 -17.47 6.56
C LEU C 82 31.92 -17.05 7.89
N SER C 83 32.92 -16.16 7.85
CA SER C 83 33.54 -15.65 9.09
C SER C 83 32.55 -14.86 9.94
N ARG C 84 31.71 -14.08 9.26
CA ARG C 84 30.58 -13.41 9.90
C ARG C 84 29.52 -14.42 10.34
N LEU C 85 29.20 -15.37 9.46
CA LEU C 85 28.22 -16.42 9.76
C LEU C 85 28.58 -17.23 11.00
N ALA C 86 29.87 -17.28 11.33
CA ALA C 86 30.37 -18.06 12.46
C ALA C 86 29.94 -17.45 13.79
N GLU C 87 29.80 -16.13 13.83
CA GLU C 87 29.36 -15.43 15.05
C GLU C 87 27.83 -15.48 15.19
N SER C 88 27.13 -16.04 14.21
CA SER C 88 25.67 -15.96 14.21
C SER C 88 25.05 -16.67 15.40
N GLN C 89 23.98 -16.07 15.90
CA GLN C 89 23.15 -16.66 16.94
C GLN C 89 22.18 -17.66 16.30
N LYS C 90 21.79 -17.35 15.05
CA LYS C 90 20.72 -18.06 14.35
C LYS C 90 21.28 -19.23 13.54
N PRO C 91 20.42 -20.18 13.20
CA PRO C 91 20.89 -21.37 12.54
C PRO C 91 21.33 -21.13 11.09
N LEU C 92 22.20 -22.02 10.61
CA LEU C 92 22.86 -21.91 9.32
C LEU C 92 22.48 -23.06 8.41
N VAL C 93 22.34 -22.80 7.12
CA VAL C 93 22.16 -23.86 6.11
C VAL C 93 23.04 -23.52 4.95
N ALA C 94 23.62 -24.56 4.35
CA ALA C 94 24.33 -24.42 3.09
C ALA C 94 23.55 -25.22 2.07
N THR C 95 22.94 -24.54 1.11
CA THR C 95 22.14 -25.26 0.14
C THR C 95 22.98 -25.29 -1.10
N LEU C 96 23.19 -26.51 -1.61
CA LEU C 96 23.98 -26.76 -2.80
C LEU C 96 23.05 -27.51 -3.75
N LEU C 97 22.93 -26.97 -4.96
CA LEU C 97 22.04 -27.49 -5.96
C LEU C 97 22.86 -28.00 -7.13
N ALA C 98 22.74 -29.29 -7.41
CA ALA C 98 23.41 -29.90 -8.52
C ALA C 98 22.69 -29.46 -9.78
N GLU C 99 21.38 -29.65 -9.82
CA GLU C 99 20.58 -29.27 -10.98
C GLU C 99 19.48 -28.23 -10.65
N ASP C 100 19.07 -27.50 -11.69
CA ASP C 100 17.88 -26.67 -11.65
C ASP C 100 16.65 -27.55 -11.72
N ALA C 101 16.12 -27.94 -10.57
CA ALA C 101 14.97 -28.85 -10.54
C ALA C 101 13.87 -28.28 -9.66
N ALA C 102 12.67 -28.83 -9.78
CA ALA C 102 11.62 -28.54 -8.81
C ALA C 102 12.27 -28.53 -7.43
N PRO C 103 12.03 -27.50 -6.64
CA PRO C 103 12.64 -27.48 -5.33
C PRO C 103 12.08 -28.57 -4.40
N SER C 104 12.90 -28.96 -3.43
CA SER C 104 12.61 -30.06 -2.49
C SER C 104 12.60 -29.62 -1.05
N SER C 105 13.05 -28.40 -0.77
CA SER C 105 13.07 -27.87 0.61
C SER C 105 12.78 -26.36 0.68
N THR C 106 12.40 -25.91 1.87
CA THR C 106 12.15 -24.50 2.12
C THR C 106 13.41 -23.69 1.80
N ALA C 107 14.55 -24.20 2.24
CA ALA C 107 15.85 -23.55 2.01
C ALA C 107 16.18 -23.37 0.54
N GLU C 108 15.79 -24.34 -0.28
CA GLU C 108 16.04 -24.28 -1.71
C GLU C 108 15.09 -23.31 -2.40
N ALA C 109 13.85 -23.30 -1.94
CA ALA C 109 12.83 -22.46 -2.49
C ALA C 109 13.28 -21.03 -2.32
N TYR C 110 13.83 -20.75 -1.15
CA TYR C 110 14.26 -19.41 -0.82
C TYR C 110 15.48 -19.01 -1.61
N LEU C 111 16.38 -19.96 -1.85
CA LEU C 111 17.58 -19.65 -2.63
C LEU C 111 17.16 -19.28 -4.03
N LYS C 112 16.25 -20.05 -4.60
CA LYS C 112 15.82 -19.80 -5.98
C LYS C 112 15.11 -18.45 -6.13
N LEU C 113 14.45 -18.00 -5.07
CA LEU C 113 13.82 -16.68 -5.09
C LEU C 113 14.88 -15.61 -4.94
N HIS C 114 15.94 -15.91 -4.18
CA HIS C 114 17.11 -15.02 -4.08
C HIS C 114 17.83 -14.84 -5.41
N LEU C 115 17.95 -15.92 -6.17
CA LEU C 115 18.65 -15.86 -7.44
C LEU C 115 17.92 -14.92 -8.37
N LEU C 116 16.60 -14.98 -8.38
CA LEU C 116 15.79 -14.04 -9.17
C LEU C 116 15.97 -12.58 -8.72
N SER C 117 15.90 -12.34 -7.42
CA SER C 117 15.89 -10.95 -6.94
C SER C 117 17.26 -10.32 -6.96
N HIS C 118 18.30 -11.16 -6.84
CA HIS C 118 19.69 -10.69 -7.03
C HIS C 118 20.00 -10.51 -8.49
N ARG C 119 19.10 -10.96 -9.37
CA ARG C 119 19.24 -10.79 -10.79
C ARG C 119 20.26 -11.75 -11.41
N LEU C 120 20.46 -12.90 -10.79
CA LEU C 120 21.40 -13.87 -11.30
C LEU C 120 20.72 -14.60 -12.44
N VAL C 121 19.44 -14.91 -12.25
CA VAL C 121 18.59 -15.49 -13.30
C VAL C 121 17.33 -14.63 -13.49
N LYS C 122 16.69 -14.79 -14.64
CA LYS C 122 15.51 -14.03 -15.01
C LYS C 122 14.23 -14.83 -14.78
N PRO C 123 13.10 -14.13 -14.71
CA PRO C 123 11.82 -14.82 -14.59
C PRO C 123 11.69 -15.86 -15.68
N HIS C 124 11.20 -17.05 -15.30
CA HIS C 124 11.08 -18.23 -16.18
C HIS C 124 12.35 -19.00 -16.50
N ALA C 125 13.52 -18.51 -16.08
CA ALA C 125 14.77 -19.22 -16.32
C ALA C 125 15.03 -20.33 -15.30
N VAL C 126 14.27 -20.33 -14.22
CA VAL C 126 14.50 -21.29 -13.14
C VAL C 126 13.22 -22.08 -12.82
N ASN C 127 13.37 -23.27 -12.25
CA ASN C 127 12.22 -24.13 -11.97
C ASN C 127 11.66 -23.78 -10.59
N LEU C 128 10.39 -23.39 -10.54
CA LEU C 128 9.73 -23.01 -9.27
C LEU C 128 8.51 -23.90 -9.02
N SER C 129 8.44 -25.01 -9.75
CA SER C 129 7.34 -25.95 -9.65
C SER C 129 7.23 -26.48 -8.23
N GLY C 130 6.00 -26.52 -7.71
CA GLY C 130 5.77 -26.98 -6.34
C GLY C 130 6.43 -26.16 -5.24
N ILE C 131 6.74 -24.89 -5.50
CA ILE C 131 7.33 -24.04 -4.47
C ILE C 131 6.33 -23.70 -3.34
N PHE C 132 5.06 -23.55 -3.70
CA PHE C 132 4.06 -23.03 -2.74
C PHE C 132 4.01 -23.81 -1.41
N PRO C 133 3.96 -25.16 -1.45
CA PRO C 133 3.96 -25.94 -0.20
C PRO C 133 5.26 -25.88 0.57
N LEU C 134 6.33 -25.46 -0.08
CA LEU C 134 7.64 -25.38 0.55
C LEU C 134 7.86 -24.05 1.27
N LEU C 135 6.99 -23.07 1.00
CA LEU C 135 7.06 -21.76 1.62
C LEU C 135 5.98 -21.69 2.71
N PRO C 136 6.39 -21.78 3.98
CA PRO C 136 5.36 -21.73 5.00
C PRO C 136 4.77 -20.33 5.20
N ASN C 137 3.48 -20.27 5.52
CA ASN C 137 2.84 -19.02 5.90
C ASN C 137 3.48 -18.55 7.17
N VAL C 138 3.96 -17.30 7.17
CA VAL C 138 4.75 -16.75 8.27
C VAL C 138 4.20 -15.36 8.64
N ALA C 139 4.34 -15.01 9.92
CA ALA C 139 4.11 -13.64 10.35
C ALA C 139 5.44 -12.89 10.25
N TRP C 140 5.47 -11.90 9.35
CA TRP C 140 6.66 -11.09 9.13
C TRP C 140 6.55 -9.87 10.03
N THR C 141 7.48 -9.77 10.97
CA THR C 141 7.37 -8.78 12.03
C THR C 141 8.66 -8.00 12.16
N ASN C 142 8.67 -6.99 13.01
CA ASN C 142 9.87 -6.17 13.18
C ASN C 142 11.04 -6.95 13.81
N ILE C 143 10.73 -8.04 14.52
CA ILE C 143 11.77 -8.89 15.09
C ILE C 143 12.13 -10.05 14.15
N GLY C 144 11.49 -10.14 13.01
CA GLY C 144 11.80 -11.18 12.03
C GLY C 144 10.59 -12.06 11.75
N ALA C 145 10.84 -13.20 11.13
CA ALA C 145 9.82 -14.21 10.91
C ALA C 145 9.42 -14.86 12.22
N VAL C 146 8.11 -15.00 12.44
CA VAL C 146 7.57 -15.59 13.63
C VAL C 146 6.48 -16.54 13.24
N ASP C 147 6.56 -17.76 13.77
CA ASP C 147 5.63 -18.79 13.40
C ASP C 147 4.26 -18.38 13.90
N LEU C 148 3.24 -18.65 13.11
CA LEU C 148 1.88 -18.26 13.44
C LEU C 148 1.37 -18.88 14.73
N ALA C 149 1.93 -20.02 15.14
CA ALA C 149 1.53 -20.69 16.40
C ALA C 149 2.15 -20.02 17.61
N GLU C 150 3.18 -19.24 17.40
CA GLU C 150 3.92 -18.58 18.50
C GLU C 150 3.59 -17.09 18.60
N LEU C 151 2.93 -16.55 17.57
CA LEU C 151 2.74 -15.10 17.40
C LEU C 151 1.93 -14.44 18.49
N ALA C 152 0.77 -15.02 18.82
CA ALA C 152 -0.16 -14.35 19.76
C ALA C 152 0.52 -14.07 21.10
N GLU C 153 1.28 -15.05 21.56
CA GLU C 153 2.06 -14.97 22.79
C GLU C 153 3.06 -13.80 22.74
N LEU C 154 3.85 -13.76 21.67
CA LEU C 154 4.82 -12.69 21.48
C LEU C 154 4.12 -11.31 21.39
N GLN C 155 2.97 -11.23 20.73
CA GLN C 155 2.23 -9.95 20.62
C GLN C 155 1.79 -9.43 21.99
N LEU C 156 1.31 -10.34 22.83
CA LEU C 156 0.94 -10.03 24.22
C LEU C 156 2.12 -9.48 25.00
N GLU C 157 3.24 -10.21 24.99
CA GLU C 157 4.41 -9.82 25.80
C GLU C 157 4.93 -8.46 25.42
N ALA C 158 4.99 -8.16 24.12
CA ALA C 158 5.34 -6.82 23.70
C ALA C 158 4.41 -5.78 24.32
N ARG C 159 3.10 -6.04 24.30
CA ARG C 159 2.12 -5.08 24.84
C ARG C 159 2.30 -4.88 26.34
N LEU C 160 2.65 -5.95 27.05
CA LEU C 160 2.90 -5.85 28.48
C LEU C 160 4.06 -4.89 28.82
N LYS C 161 5.05 -4.80 27.92
CA LYS C 161 6.23 -3.94 28.11
C LYS C 161 6.04 -2.54 27.55
N GLY C 162 4.82 -2.19 27.14
CA GLY C 162 4.56 -0.91 26.49
C GLY C 162 5.06 -0.83 25.06
N LYS C 163 5.36 -1.98 24.46
CA LYS C 163 5.94 -2.04 23.12
C LYS C 163 4.94 -2.60 22.12
N LEU C 164 5.37 -2.75 20.88
CA LEU C 164 4.53 -3.30 19.85
C LEU C 164 5.34 -4.29 19.02
N LEU C 165 4.79 -5.47 18.84
CA LEU C 165 5.31 -6.39 17.85
C LEU C 165 4.52 -6.09 16.61
N GLU C 166 5.16 -5.46 15.62
CA GLU C 166 4.44 -5.04 14.43
C GLU C 166 4.37 -6.21 13.48
N VAL C 167 3.19 -6.54 12.99
CA VAL C 167 3.05 -7.65 12.03
C VAL C 167 2.73 -6.99 10.71
N PHE C 168 3.72 -6.85 9.83
CA PHE C 168 3.54 -6.09 8.60
C PHE C 168 3.17 -6.95 7.41
N SER C 169 3.23 -8.27 7.58
CA SER C 169 2.79 -9.17 6.54
C SER C 169 2.58 -10.56 7.12
N VAL C 170 1.54 -11.25 6.64
CA VAL C 170 1.29 -12.63 7.00
C VAL C 170 1.13 -13.40 5.69
N ASP C 171 2.17 -14.10 5.28
CA ASP C 171 2.22 -14.63 3.94
C ASP C 171 3.34 -15.63 3.73
N LYS C 172 3.27 -16.34 2.62
CA LYS C 172 4.27 -17.33 2.26
C LYS C 172 5.53 -16.68 1.69
N PHE C 173 5.40 -15.48 1.16
CA PHE C 173 6.55 -14.77 0.59
C PHE C 173 6.84 -13.54 1.40
N PRO C 174 8.08 -13.33 1.80
CA PRO C 174 8.42 -12.07 2.46
C PRO C 174 8.61 -10.99 1.41
N LYS C 175 8.82 -9.75 1.82
CA LYS C 175 9.11 -8.69 0.85
C LYS C 175 10.58 -8.72 0.46
N MET C 176 10.88 -8.57 -0.82
CA MET C 176 12.23 -8.67 -1.34
C MET C 176 13.29 -7.84 -0.60
N THR C 177 13.00 -6.57 -0.36
CA THR C 177 14.03 -5.65 0.12
C THR C 177 14.52 -5.93 1.54
N ASP C 178 13.79 -6.74 2.28
CA ASP C 178 14.32 -7.26 3.53
C ASP C 178 15.46 -8.29 3.33
N TYR C 179 15.65 -8.76 2.09
CA TYR C 179 16.75 -9.66 1.70
C TYR C 179 17.76 -9.01 0.74
N VAL C 180 17.29 -8.31 -0.29
CA VAL C 180 18.16 -7.65 -1.26
C VAL C 180 17.56 -6.37 -1.80
N VAL C 181 18.41 -5.37 -1.99
CA VAL C 181 18.08 -4.25 -2.86
C VAL C 181 19.11 -4.26 -3.98
N PRO C 182 18.73 -4.74 -5.16
CA PRO C 182 19.70 -4.72 -6.25
C PRO C 182 20.03 -3.27 -6.68
N ALA C 183 21.16 -3.11 -7.37
CA ALA C 183 21.68 -1.81 -7.73
C ALA C 183 20.81 -1.11 -8.79
N GLY C 184 20.73 0.21 -8.73
CA GLY C 184 20.10 1.02 -9.78
C GLY C 184 18.60 0.94 -9.84
N VAL C 185 17.96 0.77 -8.68
CA VAL C 185 16.55 0.49 -8.58
C VAL C 185 15.91 1.41 -7.52
N ARG C 186 14.64 1.78 -7.74
CA ARG C 186 13.83 2.48 -6.71
C ARG C 186 12.56 1.69 -6.46
N ILE C 187 12.12 1.63 -5.20
CA ILE C 187 10.88 0.92 -4.84
C ILE C 187 10.24 1.72 -3.74
N ALA C 188 9.15 2.42 -4.05
CA ALA C 188 8.62 3.43 -3.15
C ALA C 188 8.03 2.81 -1.89
N ASP C 189 7.16 1.81 -2.08
CA ASP C 189 6.59 1.01 -0.97
C ASP C 189 7.04 -0.45 -1.15
N THR C 190 8.02 -0.86 -0.35
CA THR C 190 8.68 -2.12 -0.62
C THR C 190 7.81 -3.30 -0.23
N ALA C 191 6.75 -3.01 0.53
CA ALA C 191 5.72 -3.99 0.81
C ALA C 191 5.15 -4.63 -0.45
N ARG C 192 5.30 -3.98 -1.59
CA ARG C 192 4.67 -4.42 -2.84
C ARG C 192 5.57 -5.12 -3.86
N VAL C 193 6.79 -5.48 -3.46
CA VAL C 193 7.65 -6.28 -4.31
C VAL C 193 8.03 -7.53 -3.49
N ARG C 194 7.65 -8.70 -3.99
CA ARG C 194 7.89 -9.96 -3.30
C ARG C 194 9.29 -10.47 -3.55
N LEU C 195 9.87 -11.14 -2.55
CA LEU C 195 11.13 -11.86 -2.76
C LEU C 195 10.85 -12.77 -3.93
N GLY C 196 11.76 -12.83 -4.89
CA GLY C 196 11.56 -13.58 -6.12
C GLY C 196 11.21 -12.70 -7.31
N ALA C 197 11.03 -11.41 -7.03
CA ALA C 197 10.77 -10.41 -8.09
C ALA C 197 12.12 -10.03 -8.71
N TYR C 198 12.13 -9.77 -10.01
CA TYR C 198 13.32 -9.31 -10.74
C TYR C 198 13.14 -7.86 -11.13
N ILE C 199 13.84 -6.96 -10.45
CA ILE C 199 13.71 -5.54 -10.73
C ILE C 199 14.93 -5.03 -11.47
N GLY C 200 14.79 -4.95 -12.78
CA GLY C 200 15.92 -4.59 -13.63
C GLY C 200 16.45 -3.22 -13.32
N GLU C 201 17.74 -3.05 -13.61
CA GLU C 201 18.44 -1.82 -13.37
C GLU C 201 17.77 -0.66 -14.08
N GLY C 202 17.62 0.45 -13.36
CA GLY C 202 16.89 1.64 -13.89
C GLY C 202 15.37 1.55 -13.80
N THR C 203 14.86 0.56 -13.07
CA THR C 203 13.41 0.44 -12.86
C THR C 203 13.07 1.28 -11.63
N THR C 204 11.95 1.97 -11.72
CA THR C 204 11.41 2.58 -10.50
C THR C 204 10.01 2.05 -10.33
N VAL C 205 9.79 1.34 -9.23
CA VAL C 205 8.46 0.87 -8.88
C VAL C 205 7.86 1.88 -7.92
N MET C 206 6.81 2.53 -8.36
CA MET C 206 6.14 3.57 -7.56
C MET C 206 5.16 2.89 -6.61
N HIS C 207 4.54 3.71 -5.75
CA HIS C 207 3.70 3.24 -4.65
C HIS C 207 2.60 2.32 -5.12
N GLU C 208 1.96 2.67 -6.22
CA GLU C 208 0.85 1.86 -6.73
C GLU C 208 1.40 0.64 -7.49
N GLY C 209 2.70 0.59 -7.70
CA GLY C 209 3.31 -0.52 -8.39
C GLY C 209 3.35 -1.77 -7.52
N PHE C 210 3.27 -2.92 -8.17
CA PHE C 210 3.40 -4.21 -7.46
C PHE C 210 4.07 -5.19 -8.40
N VAL C 211 5.01 -5.97 -7.86
CA VAL C 211 5.66 -7.04 -8.62
C VAL C 211 5.68 -8.36 -7.82
N ASN C 212 5.10 -9.40 -8.43
CA ASN C 212 5.00 -10.72 -7.80
C ASN C 212 6.32 -11.42 -7.97
N PHE C 213 6.42 -12.66 -7.47
CA PHE C 213 7.61 -13.49 -7.65
C PHE C 213 7.68 -14.00 -9.09
N ASN C 214 8.87 -14.33 -9.57
CA ASN C 214 9.01 -14.86 -10.93
C ASN C 214 8.38 -13.90 -11.93
N ALA C 215 8.72 -12.63 -11.79
CA ALA C 215 8.14 -11.56 -12.59
C ALA C 215 9.03 -10.33 -12.43
N GLY C 216 8.87 -9.37 -13.32
CA GLY C 216 9.60 -8.13 -13.17
C GLY C 216 9.87 -7.37 -14.45
N THR C 217 11.06 -6.74 -14.49
CA THR C 217 11.38 -5.76 -15.49
C THR C 217 12.80 -5.97 -15.97
N GLU C 218 12.99 -5.82 -17.28
CA GLU C 218 14.32 -5.79 -17.85
C GLU C 218 15.04 -4.56 -17.30
N GLY C 219 14.33 -3.44 -17.26
CA GLY C 219 14.92 -2.18 -16.86
C GLY C 219 15.50 -1.56 -18.10
N PRO C 220 15.43 -0.24 -18.24
CA PRO C 220 14.77 0.67 -17.31
C PRO C 220 13.24 0.61 -17.46
N GLY C 221 12.53 1.34 -16.61
CA GLY C 221 11.08 1.35 -16.66
C GLY C 221 10.43 1.98 -15.45
N MET C 222 9.17 2.34 -15.62
CA MET C 222 8.37 2.97 -14.58
C MET C 222 7.23 1.99 -14.34
N ILE C 223 7.20 1.34 -13.18
CA ILE C 223 6.13 0.44 -12.84
C ILE C 223 5.26 1.08 -11.76
N GLU C 224 4.03 1.42 -12.14
CA GLU C 224 3.05 1.99 -11.23
C GLU C 224 1.78 1.17 -11.19
N GLY C 225 1.82 -0.01 -11.81
CA GLY C 225 0.72 -0.96 -11.76
C GLY C 225 1.23 -2.34 -11.44
N ARG C 226 0.38 -3.32 -11.66
CA ARG C 226 0.55 -4.65 -11.14
C ARG C 226 1.17 -5.61 -12.16
N VAL C 227 2.33 -6.15 -11.81
CA VAL C 227 3.00 -7.18 -12.59
C VAL C 227 2.85 -8.51 -11.88
N SER C 228 2.01 -9.39 -12.44
CA SER C 228 1.59 -10.63 -11.82
C SER C 228 2.66 -11.68 -11.94
N ALA C 229 2.49 -12.79 -11.23
CA ALA C 229 3.47 -13.89 -11.28
C ALA C 229 3.67 -14.31 -12.71
N GLY C 230 4.93 -14.38 -13.12
CA GLY C 230 5.26 -14.87 -14.45
C GLY C 230 5.17 -13.84 -15.56
N VAL C 231 5.03 -12.56 -15.21
CA VAL C 231 4.94 -11.50 -16.20
C VAL C 231 6.26 -10.74 -16.21
N PHE C 232 6.80 -10.56 -17.41
CA PHE C 232 8.05 -9.89 -17.58
C PHE C 232 7.89 -8.72 -18.53
N VAL C 233 8.44 -7.57 -18.14
CA VAL C 233 8.22 -6.31 -18.80
C VAL C 233 9.51 -5.90 -19.44
N GLY C 234 9.47 -5.74 -20.76
CA GLY C 234 10.63 -5.35 -21.52
C GLY C 234 11.15 -3.96 -21.22
N LYS C 235 12.30 -3.71 -21.82
CA LYS C 235 13.07 -2.49 -21.79
C LYS C 235 12.28 -1.20 -22.05
N GLY C 236 12.46 -0.20 -21.18
CA GLY C 236 11.87 1.15 -21.39
C GLY C 236 10.34 1.20 -21.43
N SER C 237 9.66 0.19 -20.89
CA SER C 237 8.19 0.16 -20.88
C SER C 237 7.65 0.76 -19.58
N ASP C 238 6.54 1.48 -19.69
CA ASP C 238 5.94 2.15 -18.56
C ASP C 238 4.56 1.60 -18.29
N LEU C 239 4.32 1.24 -17.03
CA LEU C 239 3.01 0.81 -16.57
C LEU C 239 2.44 1.92 -15.68
N GLY C 240 1.40 2.59 -16.18
CA GLY C 240 0.76 3.67 -15.44
C GLY C 240 0.07 3.25 -14.16
N GLY C 241 -0.16 4.22 -13.28
CA GLY C 241 -0.83 4.01 -12.00
C GLY C 241 -2.08 3.14 -12.09
N GLY C 242 -2.06 2.04 -11.35
CA GLY C 242 -3.26 1.28 -11.14
C GLY C 242 -3.55 0.35 -12.27
N CYS C 243 -2.62 0.19 -13.22
CA CYS C 243 -2.87 -0.73 -14.31
C CYS C 243 -2.66 -2.15 -13.86
N SER C 244 -3.22 -3.05 -14.64
CA SER C 244 -3.28 -4.44 -14.30
C SER C 244 -2.69 -5.28 -15.42
N THR C 245 -2.01 -6.33 -14.99
CA THR C 245 -1.47 -7.31 -15.89
C THR C 245 -2.11 -8.63 -15.41
N MET C 246 -2.78 -9.33 -16.32
CA MET C 246 -3.54 -10.54 -15.96
C MET C 246 -2.56 -11.66 -15.53
N GLY C 247 -2.93 -12.45 -14.52
CA GLY C 247 -2.11 -13.59 -14.08
C GLY C 247 -2.59 -14.93 -14.63
N THR C 248 -2.00 -16.01 -14.09
CA THR C 248 -2.46 -17.41 -14.28
C THR C 248 -1.82 -18.04 -15.53
N ASN C 254 -0.71 -22.97 -21.17
CA ASN C 254 -1.31 -21.62 -21.16
C ASN C 254 -0.40 -20.51 -21.74
N ILE C 255 -1.06 -19.48 -22.27
CA ILE C 255 -0.40 -18.23 -22.70
C ILE C 255 0.09 -17.36 -21.51
N VAL C 256 1.41 -17.15 -21.44
CA VAL C 256 2.00 -16.27 -20.42
C VAL C 256 1.88 -14.82 -20.89
N ILE C 257 1.61 -13.91 -19.95
CA ILE C 257 1.56 -12.49 -20.25
C ILE C 257 2.96 -11.89 -20.16
N SER C 258 3.30 -11.08 -21.14
CA SER C 258 4.52 -10.30 -21.09
C SER C 258 4.22 -8.96 -21.72
N VAL C 259 5.15 -8.04 -21.55
CA VAL C 259 5.03 -6.72 -22.12
C VAL C 259 6.35 -6.57 -22.84
N GLY C 260 6.30 -6.07 -24.06
CA GLY C 260 7.50 -5.86 -24.85
C GLY C 260 8.26 -4.59 -24.44
N GLU C 261 9.05 -4.07 -25.38
CA GLU C 261 9.92 -2.92 -25.16
C GLU C 261 9.24 -1.62 -25.56
N GLY C 262 9.43 -0.57 -24.77
CA GLY C 262 8.92 0.76 -25.14
C GLY C 262 7.40 0.86 -25.16
N CYS C 263 6.72 -0.02 -24.41
CA CYS C 263 5.26 0.04 -24.30
C CYS C 263 4.79 1.06 -23.27
N LEU C 264 3.55 1.49 -23.41
CA LEU C 264 2.91 2.37 -22.44
C LEU C 264 1.56 1.74 -22.12
N ILE C 265 1.37 1.27 -20.90
CA ILE C 265 0.07 0.80 -20.46
C ILE C 265 -0.51 1.91 -19.60
N GLY C 266 -1.66 2.44 -19.99
CA GLY C 266 -2.20 3.62 -19.35
C GLY C 266 -2.68 3.44 -17.92
N ALA C 267 -2.79 4.54 -17.19
CA ALA C 267 -3.33 4.50 -15.83
C ALA C 267 -4.67 3.79 -15.84
N ASN C 268 -4.89 2.98 -14.81
CA ASN C 268 -6.12 2.22 -14.64
C ASN C 268 -6.48 1.30 -15.81
N ALA C 269 -5.57 1.03 -16.73
CA ALA C 269 -5.91 0.11 -17.78
C ALA C 269 -5.44 -1.29 -17.42
N GLY C 270 -5.58 -2.22 -18.37
CA GLY C 270 -5.17 -3.60 -18.14
C GLY C 270 -4.96 -4.40 -19.40
N ILE C 271 -4.12 -5.43 -19.29
CA ILE C 271 -3.92 -6.35 -20.40
C ILE C 271 -4.11 -7.81 -19.98
N GLY C 272 -4.85 -8.55 -20.80
CA GLY C 272 -4.93 -10.02 -20.69
C GLY C 272 -4.24 -10.75 -21.84
N ILE C 273 -3.49 -10.02 -22.66
CA ILE C 273 -2.73 -10.60 -23.74
C ILE C 273 -1.28 -10.19 -23.60
N PRO C 274 -0.36 -10.93 -24.24
CA PRO C 274 1.03 -10.47 -24.29
C PRO C 274 1.10 -9.25 -25.17
N LEU C 275 1.86 -8.23 -24.78
CA LEU C 275 1.98 -7.04 -25.60
C LEU C 275 3.28 -7.07 -26.36
N GLY C 276 3.20 -6.79 -27.67
CA GLY C 276 4.39 -6.66 -28.52
C GLY C 276 5.03 -5.28 -28.32
N ASP C 277 6.14 -5.04 -29.00
CA ASP C 277 6.94 -3.85 -28.75
C ASP C 277 6.18 -2.58 -29.12
N ARG C 278 6.46 -1.52 -28.39
CA ARG C 278 5.87 -0.22 -28.66
C ARG C 278 4.36 -0.24 -28.77
N ASN C 279 3.70 -1.11 -28.01
CA ASN C 279 2.24 -1.04 -27.88
C ASN C 279 1.86 0.04 -26.87
N ILE C 280 0.69 0.63 -27.08
CA ILE C 280 0.14 1.61 -26.18
C ILE C 280 -1.27 1.16 -25.85
N VAL C 281 -1.63 1.21 -24.57
CA VAL C 281 -3.02 0.90 -24.16
C VAL C 281 -3.59 2.13 -23.45
N GLU C 282 -4.74 2.60 -23.89
CA GLU C 282 -5.33 3.85 -23.39
C GLU C 282 -5.64 3.77 -21.90
N ALA C 283 -5.39 4.85 -21.17
CA ALA C 283 -5.76 4.92 -19.77
C ALA C 283 -7.20 4.46 -19.63
N GLY C 284 -7.46 3.55 -18.68
CA GLY C 284 -8.83 3.10 -18.39
C GLY C 284 -9.33 1.90 -19.16
N LEU C 285 -8.52 1.39 -20.08
CA LEU C 285 -8.94 0.37 -21.00
C LEU C 285 -8.42 -1.00 -20.55
N TYR C 286 -9.31 -1.98 -20.46
CA TYR C 286 -8.90 -3.31 -20.09
C TYR C 286 -9.05 -4.19 -21.31
N ILE C 287 -7.92 -4.65 -21.84
CA ILE C 287 -7.92 -5.47 -23.03
C ILE C 287 -7.80 -6.91 -22.56
N THR C 288 -8.93 -7.58 -22.64
CA THR C 288 -9.10 -8.96 -22.28
C THR C 288 -8.78 -9.78 -23.51
N ALA C 289 -8.37 -11.03 -23.31
CA ALA C 289 -8.01 -11.93 -24.40
C ALA C 289 -9.13 -12.03 -25.44
N GLY C 290 -10.35 -12.22 -24.95
CA GLY C 290 -11.55 -12.31 -25.79
C GLY C 290 -12.25 -11.00 -26.10
N THR C 291 -11.62 -9.87 -25.87
CA THR C 291 -12.19 -8.60 -26.32
C THR C 291 -12.13 -8.58 -27.84
N LYS C 292 -13.23 -8.18 -28.48
CA LYS C 292 -13.28 -8.04 -29.93
C LYS C 292 -12.90 -6.62 -30.32
N VAL C 293 -11.79 -6.52 -31.05
CA VAL C 293 -11.14 -5.27 -31.39
C VAL C 293 -11.32 -4.92 -32.88
N ALA C 294 -11.78 -3.70 -33.15
CA ALA C 294 -11.81 -3.18 -34.51
C ALA C 294 -10.39 -2.81 -34.94
N LEU C 295 -9.71 -3.71 -35.64
CA LEU C 295 -8.36 -3.43 -36.14
C LEU C 295 -8.43 -2.42 -37.29
N LEU C 296 -7.73 -1.31 -37.15
CA LEU C 296 -7.76 -0.26 -38.16
C LEU C 296 -6.39 -0.15 -38.84
N ASP C 297 -6.40 0.05 -40.15
CA ASP C 297 -5.19 0.33 -40.92
C ASP C 297 -4.86 1.80 -40.73
N GLU C 298 -3.81 2.25 -41.41
CA GLU C 298 -3.29 3.62 -41.25
C GLU C 298 -4.18 4.74 -41.76
N GLN C 299 -5.33 4.41 -42.34
CA GLN C 299 -6.33 5.39 -42.77
C GLN C 299 -7.51 5.44 -41.79
N ASN C 300 -7.40 4.65 -40.72
CA ASN C 300 -8.48 4.44 -39.73
C ASN C 300 -9.74 3.82 -40.34
N ALA C 301 -9.51 2.94 -41.30
CA ALA C 301 -10.53 2.14 -41.97
C ALA C 301 -10.49 0.72 -41.41
N LEU C 302 -11.66 0.11 -41.25
CA LEU C 302 -11.74 -1.23 -40.69
C LEU C 302 -10.98 -2.18 -41.60
N VAL C 303 -10.10 -2.99 -41.01
CA VAL C 303 -9.41 -4.07 -41.71
C VAL C 303 -10.20 -5.33 -41.42
N LYS C 304 -10.50 -5.52 -40.14
CA LYS C 304 -11.47 -6.50 -39.70
C LYS C 304 -11.59 -6.46 -38.18
N VAL C 305 -12.60 -7.15 -37.66
CA VAL C 305 -12.77 -7.30 -36.24
C VAL C 305 -12.12 -8.59 -35.80
N VAL C 306 -11.19 -8.51 -34.82
CA VAL C 306 -10.53 -9.71 -34.27
C VAL C 306 -10.54 -9.73 -32.75
N LYS C 307 -10.29 -10.90 -32.20
CA LYS C 307 -10.10 -11.06 -30.76
C LYS C 307 -8.73 -10.51 -30.39
N ALA C 308 -8.67 -9.81 -29.26
CA ALA C 308 -7.40 -9.23 -28.77
C ALA C 308 -6.30 -10.28 -28.75
N ARG C 309 -6.66 -11.50 -28.34
CA ARG C 309 -5.75 -12.65 -28.36
C ARG C 309 -4.96 -12.79 -29.67
N ASP C 310 -5.60 -12.44 -30.80
CA ASP C 310 -5.00 -12.62 -32.13
C ASP C 310 -4.02 -11.50 -32.49
N LEU C 311 -4.04 -10.40 -31.75
CA LEU C 311 -3.09 -9.30 -31.94
C LEU C 311 -1.87 -9.42 -31.00
N ALA C 312 -1.84 -10.50 -30.23
CA ALA C 312 -0.74 -10.76 -29.29
C ALA C 312 0.62 -10.72 -29.93
N GLY C 313 1.52 -9.90 -29.38
CA GLY C 313 2.92 -9.82 -29.83
C GLY C 313 3.18 -8.89 -31.00
N GLN C 314 2.14 -8.33 -31.61
CA GLN C 314 2.31 -7.40 -32.72
C GLN C 314 2.82 -6.07 -32.25
N PRO C 315 3.83 -5.51 -32.94
CA PRO C 315 4.37 -4.24 -32.52
C PRO C 315 3.57 -3.07 -33.06
N ASP C 316 3.74 -1.92 -32.42
CA ASP C 316 3.23 -0.62 -32.88
C ASP C 316 1.70 -0.48 -32.91
N LEU C 317 1.02 -1.07 -31.93
CA LEU C 317 -0.45 -0.99 -31.81
C LEU C 317 -0.84 0.02 -30.74
N LEU C 318 -1.92 0.75 -30.99
CA LEU C 318 -2.48 1.65 -30.01
C LEU C 318 -3.86 1.12 -29.75
N PHE C 319 -4.10 0.66 -28.52
CA PHE C 319 -5.41 0.18 -28.11
C PHE C 319 -6.19 1.30 -27.43
N ARG C 320 -7.43 1.48 -27.85
CA ARG C 320 -8.22 2.60 -27.39
C ARG C 320 -9.68 2.18 -27.45
N ARG C 321 -10.50 2.77 -26.60
CA ARG C 321 -11.95 2.57 -26.68
C ARG C 321 -12.56 3.84 -27.27
N ASN C 322 -13.22 3.71 -28.42
CA ASN C 322 -13.80 4.86 -29.10
C ASN C 322 -14.82 5.51 -28.19
N SER C 323 -14.55 6.75 -27.80
CA SER C 323 -15.39 7.44 -26.82
C SER C 323 -16.75 7.88 -27.33
N GLN C 324 -17.07 7.65 -28.60
CA GLN C 324 -18.39 8.02 -29.11
C GLN C 324 -19.28 6.85 -29.51
N ASN C 325 -18.71 5.73 -29.95
CA ASN C 325 -19.48 4.55 -30.32
C ASN C 325 -19.16 3.33 -29.50
N GLY C 326 -18.29 3.49 -28.51
CA GLY C 326 -18.00 2.42 -27.55
C GLY C 326 -17.20 1.25 -28.09
N ALA C 327 -16.72 1.35 -29.33
CA ALA C 327 -15.98 0.26 -29.93
C ALA C 327 -14.54 0.27 -29.47
N VAL C 328 -14.02 -0.89 -29.05
CA VAL C 328 -12.59 -1.01 -28.77
C VAL C 328 -11.88 -1.10 -30.12
N GLU C 329 -10.90 -0.22 -30.31
CA GLU C 329 -10.21 -0.07 -31.60
C GLU C 329 -8.71 -0.24 -31.42
N CYS C 330 -8.06 -0.88 -32.39
CA CYS C 330 -6.61 -0.95 -32.44
C CYS C 330 -6.07 -0.18 -33.65
N LYS C 331 -5.46 0.97 -33.40
CA LYS C 331 -4.90 1.82 -34.44
C LYS C 331 -3.46 1.41 -34.76
N THR C 332 -3.16 1.31 -36.05
CA THR C 332 -1.84 0.95 -36.55
C THR C 332 -1.33 1.99 -37.54
N ASN C 333 -0.07 1.83 -37.95
CA ASN C 333 0.50 2.58 -39.07
C ASN C 333 0.81 1.62 -40.23
N LYS C 334 0.02 0.56 -40.35
CA LYS C 334 0.20 -0.46 -41.36
C LYS C 334 -1.01 -0.54 -42.31
N THR C 335 -0.79 -1.10 -43.50
CA THR C 335 -1.85 -1.29 -44.49
C THR C 335 -2.56 -2.61 -44.20
N ALA C 336 -3.78 -2.74 -44.74
CA ALA C 336 -4.61 -3.92 -44.54
C ALA C 336 -3.87 -5.20 -44.93
N ILE C 337 -3.25 -5.19 -46.11
CA ILE C 337 -2.57 -6.41 -46.61
C ILE C 337 -1.44 -6.83 -45.69
N GLU C 338 -0.77 -5.84 -45.09
CA GLU C 338 0.25 -6.06 -44.06
C GLU C 338 -0.36 -6.67 -42.78
N LEU C 339 -1.47 -6.08 -42.31
CA LEU C 339 -2.11 -6.56 -41.08
C LEU C 339 -2.60 -8.00 -41.23
N ASN C 340 -3.20 -8.31 -42.39
CA ASN C 340 -3.69 -9.66 -42.68
C ASN C 340 -2.57 -10.69 -42.73
N GLU C 341 -1.44 -10.29 -43.30
CA GLU C 341 -0.23 -11.14 -43.31
C GLU C 341 0.21 -11.49 -41.89
N ALA C 342 0.28 -10.46 -41.05
CA ALA C 342 0.68 -10.61 -39.64
C ALA C 342 -0.26 -11.55 -38.86
N LEU C 343 -1.56 -11.42 -39.10
CA LEU C 343 -2.57 -12.26 -38.43
C LEU C 343 -2.48 -13.77 -38.73
N HIS C 344 -1.91 -14.15 -39.89
CA HIS C 344 -1.85 -15.57 -40.33
C HIS C 344 -0.49 -16.28 -40.12
N ALA C 345 0.60 -15.49 -40.05
CA ALA C 345 1.94 -16.02 -39.74
C ALA C 345 2.21 -15.97 -38.23
#